data_1JYO
#
_entry.id   1JYO
#
_cell.length_a   167.489
_cell.length_b   49.582
_cell.length_c   138.142
_cell.angle_alpha   90.00
_cell.angle_beta   121.95
_cell.angle_gamma   90.00
#
_symmetry.space_group_name_H-M   'C 1 2 1'
#
loop_
_entity.id
_entity.type
_entity.pdbx_description
1 polymer SicP
2 polymer 'protein tyrosine phosphatase SptP'
3 water water
#
loop_
_entity_poly.entity_id
_entity_poly.type
_entity_poly.pdbx_seq_one_letter_code
_entity_poly.pdbx_strand_id
1 'polypeptide(L)'
;LQAHQDIIANIGEKLGLPLTFDDNNQCLLLLDSDIFTSIEAKDDIWLLNGMIIPLSPVCGDSIWRQIMVINGELAANNEG
TLAYIDAAETLLLIHAITDLTNTYHIISQLESFVNQQEALKNILQEYAKV
;
A,B,C,D
2 'polypeptide(L)'
;TDKAYVAPEKFSSKVLTWLGKMPLFKNTEVVQKHTENIRVQDQKILQTFLHALTEKYGETAVNDALLMSRINMNKPLTQR
LAVQITECVKAADEGFINLIKSKDN
;
E,F
#
# COMPACT_ATOMS: atom_id res chain seq x y z
N LEU A 1 -9.06 -23.55 2.32
CA LEU A 1 -8.65 -22.20 2.79
C LEU A 1 -8.27 -22.22 4.26
N GLN A 2 -9.11 -22.84 5.09
CA GLN A 2 -8.83 -22.93 6.51
C GLN A 2 -7.56 -23.75 6.70
N ALA A 3 -7.36 -24.74 5.83
CA ALA A 3 -6.18 -25.60 5.90
C ALA A 3 -4.95 -24.80 5.48
N HIS A 4 -5.13 -23.89 4.54
CA HIS A 4 -4.03 -23.05 4.06
C HIS A 4 -3.65 -22.09 5.18
N GLN A 5 -4.66 -21.52 5.83
CA GLN A 5 -4.44 -20.58 6.92
C GLN A 5 -3.70 -21.30 8.05
N ASP A 6 -4.09 -22.53 8.33
CA ASP A 6 -3.44 -23.29 9.40
C ASP A 6 -1.99 -23.58 9.06
N ILE A 7 -1.72 -23.83 7.78
CA ILE A 7 -0.37 -24.14 7.33
C ILE A 7 0.54 -22.92 7.45
N ILE A 8 0.12 -21.78 6.92
CA ILE A 8 0.97 -20.60 6.99
C ILE A 8 1.11 -20.08 8.42
N ALA A 9 0.14 -20.40 9.28
CA ALA A 9 0.19 -19.98 10.66
C ALA A 9 1.34 -20.77 11.31
N ASN A 10 1.43 -22.06 10.99
CA ASN A 10 2.51 -22.90 11.52
C ASN A 10 3.86 -22.37 11.05
N ILE A 11 3.93 -21.98 9.79
CA ILE A 11 5.16 -21.43 9.22
C ILE A 11 5.52 -20.17 10.02
N GLY A 12 4.53 -19.32 10.23
CA GLY A 12 4.75 -18.09 10.99
C GLY A 12 5.37 -18.35 12.36
N GLU A 13 4.88 -19.38 13.04
CA GLU A 13 5.40 -19.76 14.34
C GLU A 13 6.91 -20.03 14.31
N LYS A 14 7.36 -20.80 13.33
CA LYS A 14 8.79 -21.13 13.21
C LYS A 14 9.63 -19.90 12.86
N LEU A 15 9.02 -18.94 12.16
CA LEU A 15 9.73 -17.73 11.76
C LEU A 15 9.58 -16.57 12.76
N GLY A 16 8.70 -16.74 13.74
CA GLY A 16 8.54 -15.68 14.73
C GLY A 16 7.59 -14.53 14.40
N LEU A 17 6.65 -14.75 13.49
CA LEU A 17 5.66 -13.73 13.16
C LEU A 17 4.32 -14.35 12.76
N PRO A 18 3.20 -13.72 13.16
CA PRO A 18 1.86 -14.22 12.83
C PRO A 18 1.52 -14.03 11.34
N LEU A 19 1.82 -15.04 10.53
CA LEU A 19 1.54 -14.94 9.11
C LEU A 19 0.12 -15.42 8.79
N THR A 20 -0.49 -14.78 7.80
CA THR A 20 -1.84 -15.15 7.37
C THR A 20 -2.05 -14.75 5.91
N PHE A 21 -3.03 -15.38 5.26
CA PHE A 21 -3.38 -15.06 3.88
C PHE A 21 -4.52 -14.04 3.94
N ASP A 22 -4.54 -13.09 3.02
CA ASP A 22 -5.62 -12.12 3.03
C ASP A 22 -6.79 -12.63 2.20
N ASP A 23 -7.77 -11.77 1.98
CA ASP A 23 -8.96 -12.12 1.22
C ASP A 23 -8.62 -12.59 -0.20
N ASN A 24 -7.42 -12.26 -0.66
CA ASN A 24 -7.01 -12.67 -1.99
C ASN A 24 -6.04 -13.84 -1.95
N ASN A 25 -6.06 -14.58 -0.83
CA ASN A 25 -5.21 -15.74 -0.64
C ASN A 25 -3.73 -15.43 -0.80
N GLN A 26 -3.34 -14.21 -0.43
CA GLN A 26 -1.95 -13.80 -0.54
C GLN A 26 -1.32 -13.32 0.75
N CYS A 27 -0.01 -13.46 0.84
CA CYS A 27 0.76 -13.02 2.00
C CYS A 27 2.00 -12.37 1.40
N LEU A 28 2.17 -11.07 1.66
CA LEU A 28 3.31 -10.32 1.14
C LEU A 28 4.34 -10.12 2.24
N LEU A 29 5.61 -10.23 1.86
CA LEU A 29 6.72 -10.11 2.80
C LEU A 29 7.91 -9.28 2.30
N LEU A 30 8.59 -8.65 3.24
CA LEU A 30 9.80 -7.90 2.94
C LEU A 30 10.83 -8.58 3.83
N LEU A 31 11.88 -9.12 3.22
CA LEU A 31 12.92 -9.81 3.95
C LEU A 31 14.22 -9.00 3.89
N ASP A 32 14.91 -8.89 5.01
CA ASP A 32 16.16 -8.13 5.09
C ASP A 32 16.08 -6.73 4.50
N SER A 33 14.88 -6.29 4.17
CA SER A 33 14.78 -4.74 4.04
C SER A 33 14.87 -4.51 2.53
N ASP A 34 15.05 -5.55 1.72
CA ASP A 34 15.13 -5.31 0.28
C ASP A 34 14.67 -6.45 -0.64
N ILE A 35 14.26 -7.56 -0.04
CA ILE A 35 13.77 -8.70 -0.82
C ILE A 35 12.26 -8.76 -0.67
N PHE A 36 11.54 -8.55 -1.76
CA PHE A 36 10.08 -8.58 -1.73
C PHE A 36 9.59 -9.93 -2.26
N THR A 37 8.86 -10.64 -1.40
CA THR A 37 8.35 -11.96 -1.71
C THR A 37 6.87 -12.13 -1.41
N SER A 38 6.20 -12.91 -2.25
CA SER A 38 4.78 -13.17 -2.10
C SER A 38 4.47 -14.67 -2.08
N ILE A 39 3.51 -15.05 -1.24
CA ILE A 39 3.07 -16.44 -1.16
C ILE A 39 1.58 -16.41 -1.49
N GLU A 40 1.14 -17.28 -2.40
CA GLU A 40 -0.26 -17.32 -2.79
C GLU A 40 -0.82 -18.74 -2.74
N ALA A 41 -1.88 -18.92 -1.96
CA ALA A 41 -2.52 -20.21 -1.84
C ALA A 41 -3.41 -20.35 -3.08
N LYS A 42 -3.19 -21.43 -3.82
CA LYS A 42 -3.94 -21.67 -5.05
C LYS A 42 -4.27 -23.16 -5.13
N ASP A 43 -5.53 -23.49 -4.83
CA ASP A 43 -6.00 -24.86 -4.84
C ASP A 43 -5.16 -25.73 -3.91
N ASP A 44 -4.92 -26.97 -4.30
CA ASP A 44 -3.67 -27.62 -3.66
C ASP A 44 -2.19 -27.30 -3.68
N ILE A 45 -1.83 -26.08 -4.06
CA ILE A 45 -0.43 -25.68 -4.10
C ILE A 45 -0.24 -24.24 -3.65
N TRP A 46 1.01 -23.85 -3.43
CA TRP A 46 1.35 -22.49 -3.05
C TRP A 46 2.23 -21.93 -4.16
N LEU A 47 1.93 -20.72 -4.61
CA LEU A 47 2.73 -20.08 -5.65
C LEU A 47 3.60 -19.02 -4.98
N LEU A 48 4.90 -19.11 -5.20
CA LEU A 48 5.85 -18.13 -4.66
C LEU A 48 6.22 -17.17 -5.78
N ASN A 49 6.24 -15.87 -5.48
CA ASN A 49 6.62 -14.83 -6.43
C ASN A 49 7.70 -13.98 -5.77
N GLY A 50 8.76 -13.69 -6.51
CA GLY A 50 9.83 -12.89 -5.96
C GLY A 50 10.27 -11.83 -6.95
N MET A 51 10.01 -10.57 -6.65
CA MET A 51 10.40 -9.49 -7.55
C MET A 51 11.93 -9.49 -7.71
N ILE A 52 12.39 -9.33 -8.94
CA ILE A 52 13.82 -9.31 -9.22
C ILE A 52 14.25 -7.86 -9.50
N ILE A 53 13.82 -7.32 -10.65
CA ILE A 53 14.16 -5.95 -11.03
C ILE A 53 13.14 -5.34 -11.98
N PRO A 54 12.98 -4.00 -11.93
CA PRO A 54 12.04 -3.38 -12.86
C PRO A 54 12.85 -3.46 -14.15
N LEU A 55 12.24 -3.86 -15.25
CA LEU A 55 13.01 -4.03 -16.49
C LEU A 55 12.36 -3.45 -17.73
N SER A 56 13.14 -2.69 -18.50
CA SER A 56 12.66 -2.08 -19.73
C SER A 56 12.16 -3.15 -20.68
N PRO A 57 10.99 -2.95 -21.30
CA PRO A 57 10.45 -3.94 -22.23
C PRO A 57 11.30 -4.04 -23.50
N VAL A 58 12.19 -3.07 -23.69
CA VAL A 58 13.08 -3.05 -24.84
C VAL A 58 14.54 -3.04 -24.38
N CYS A 59 14.84 -3.90 -23.41
CA CYS A 59 16.18 -4.01 -22.86
C CYS A 59 17.21 -4.56 -23.86
N GLY A 60 16.74 -5.19 -24.93
CA GLY A 60 17.69 -5.70 -25.92
C GLY A 60 17.93 -7.20 -25.87
N ASP A 61 18.28 -7.77 -27.02
CA ASP A 61 18.53 -9.20 -27.15
C ASP A 61 19.48 -9.78 -26.11
N SER A 62 20.60 -9.11 -25.90
CA SER A 62 21.57 -9.62 -24.96
C SER A 62 20.99 -9.92 -23.56
N ILE A 63 20.24 -8.97 -23.01
CA ILE A 63 19.65 -9.16 -21.68
C ILE A 63 18.53 -10.20 -21.68
N TRP A 64 17.62 -10.13 -22.65
CA TRP A 64 16.54 -11.10 -22.74
C TRP A 64 17.14 -12.51 -22.85
N ARG A 65 18.13 -12.66 -23.74
CA ARG A 65 18.75 -13.98 -23.93
C ARG A 65 19.46 -14.50 -22.68
N GLN A 66 20.17 -13.64 -21.97
CA GLN A 66 20.87 -14.10 -20.76
C GLN A 66 19.84 -14.65 -19.77
N ILE A 67 18.73 -13.91 -19.63
CA ILE A 67 17.65 -14.31 -18.73
C ILE A 67 17.04 -15.65 -19.15
N MET A 68 16.73 -15.79 -20.43
CA MET A 68 16.12 -17.03 -20.93
C MET A 68 17.07 -18.22 -20.82
N VAL A 69 18.37 -17.97 -20.91
CA VAL A 69 19.34 -19.05 -20.75
C VAL A 69 19.32 -19.45 -19.27
N ILE A 70 19.23 -18.48 -18.37
CA ILE A 70 19.18 -18.78 -16.95
C ILE A 70 17.94 -19.63 -16.68
N ASN A 71 16.84 -19.37 -17.39
CA ASN A 71 15.65 -20.18 -17.20
C ASN A 71 15.95 -21.67 -17.36
N GLY A 72 16.85 -22.02 -18.28
CA GLY A 72 17.18 -23.42 -18.47
C GLY A 72 17.86 -24.00 -17.24
N GLU A 73 18.77 -23.22 -16.65
CA GLU A 73 19.50 -23.63 -15.46
C GLU A 73 18.55 -23.81 -14.28
N LEU A 74 17.62 -22.88 -14.12
CA LEU A 74 16.63 -22.96 -13.04
C LEU A 74 15.73 -24.17 -13.21
N ALA A 75 15.28 -24.41 -14.44
CA ALA A 75 14.39 -25.54 -14.71
C ALA A 75 15.03 -26.90 -14.42
N ALA A 76 16.34 -27.01 -14.64
CA ALA A 76 17.05 -28.26 -14.40
C ALA A 76 16.89 -28.76 -12.97
N ASN A 77 16.86 -27.84 -12.03
CA ASN A 77 16.70 -28.21 -10.62
C ASN A 77 15.37 -27.76 -10.04
N ASN A 78 14.40 -27.48 -10.91
CA ASN A 78 13.07 -27.04 -10.51
C ASN A 78 13.11 -25.91 -9.48
N GLU A 79 13.95 -24.89 -9.70
CA GLU A 79 14.04 -23.79 -8.75
C GLU A 79 13.05 -22.67 -9.03
N GLY A 80 12.46 -22.68 -10.22
CA GLY A 80 11.51 -21.65 -10.57
C GLY A 80 11.64 -21.20 -12.01
N THR A 81 10.84 -20.20 -12.35
CA THR A 81 10.76 -19.63 -13.69
C THR A 81 10.89 -18.10 -13.64
N LEU A 82 11.74 -17.53 -14.50
CA LEU A 82 11.86 -16.08 -14.57
C LEU A 82 10.81 -15.65 -15.60
N ALA A 83 9.97 -14.70 -15.22
CA ALA A 83 8.90 -14.24 -16.10
C ALA A 83 8.82 -12.72 -16.14
N TYR A 84 8.11 -12.20 -17.14
CA TYR A 84 7.95 -10.76 -17.29
C TYR A 84 6.50 -10.36 -17.16
N ILE A 85 6.23 -9.39 -16.30
CA ILE A 85 4.87 -8.88 -16.09
C ILE A 85 4.85 -7.56 -16.88
N ASP A 86 4.27 -7.62 -18.07
CA ASP A 86 4.23 -6.49 -18.98
C ASP A 86 3.64 -5.20 -18.42
N ALA A 87 2.47 -5.29 -17.79
CA ALA A 87 1.82 -4.10 -17.22
C ALA A 87 2.67 -3.43 -16.16
N ALA A 88 3.55 -4.19 -15.51
CA ALA A 88 4.41 -3.64 -14.46
C ALA A 88 5.85 -3.42 -14.92
N GLU A 89 6.18 -3.90 -16.11
CA GLU A 89 7.54 -3.79 -16.66
C GLU A 89 8.51 -4.28 -15.61
N THR A 90 8.21 -5.45 -15.05
CA THR A 90 9.00 -6.05 -13.99
C THR A 90 9.33 -7.51 -14.23
N LEU A 91 10.53 -7.90 -13.84
CA LEU A 91 10.99 -9.28 -13.96
C LEU A 91 10.83 -9.94 -12.60
N LEU A 92 10.16 -11.09 -12.55
CA LEU A 92 9.99 -11.78 -11.28
C LEU A 92 10.27 -13.27 -11.38
N LEU A 93 10.58 -13.88 -10.24
CA LEU A 93 10.84 -15.30 -10.15
C LEU A 93 9.55 -15.94 -9.64
N ILE A 94 9.14 -17.05 -10.24
CA ILE A 94 7.91 -17.75 -9.85
C ILE A 94 8.19 -19.23 -9.62
N HIS A 95 7.66 -19.79 -8.54
CA HIS A 95 7.88 -21.20 -8.23
C HIS A 95 6.72 -21.82 -7.44
N ALA A 96 6.33 -23.04 -7.81
CA ALA A 96 5.23 -23.70 -7.10
C ALA A 96 5.69 -24.71 -6.06
N ILE A 97 5.06 -24.68 -4.89
CA ILE A 97 5.35 -25.65 -3.83
C ILE A 97 4.15 -26.59 -3.92
N THR A 98 4.40 -27.84 -4.27
CA THR A 98 3.33 -28.83 -4.40
C THR A 98 3.18 -29.76 -3.21
N ASP A 99 4.21 -29.84 -2.37
CA ASP A 99 4.16 -30.70 -1.20
C ASP A 99 3.95 -29.83 0.03
N LEU A 100 2.72 -29.77 0.52
CA LEU A 100 2.42 -28.94 1.70
C LEU A 100 2.13 -29.79 2.93
N THR A 101 2.68 -30.99 2.97
CA THR A 101 2.45 -31.91 4.09
C THR A 101 3.40 -31.78 5.29
N ASN A 102 4.51 -31.08 5.14
CA ASN A 102 5.47 -30.96 6.24
C ASN A 102 5.98 -29.53 6.43
N THR A 103 5.66 -28.93 7.58
CA THR A 103 6.05 -27.55 7.90
C THR A 103 7.51 -27.19 7.65
N TYR A 104 8.44 -27.91 8.25
CA TYR A 104 9.85 -27.57 8.05
C TYR A 104 10.31 -27.79 6.61
N HIS A 105 9.65 -28.69 5.90
CA HIS A 105 9.99 -28.95 4.51
C HIS A 105 9.57 -27.74 3.67
N ILE A 106 8.46 -27.12 4.03
CA ILE A 106 7.98 -25.94 3.31
C ILE A 106 8.94 -24.80 3.61
N ILE A 107 9.41 -24.72 4.84
CA ILE A 107 10.36 -23.69 5.24
C ILE A 107 11.63 -23.86 4.39
N SER A 108 12.04 -25.11 4.18
CA SER A 108 13.23 -25.39 3.39
C SER A 108 13.05 -24.87 1.97
N GLN A 109 11.87 -25.10 1.39
CA GLN A 109 11.57 -24.66 0.04
C GLN A 109 11.48 -23.13 -0.03
N LEU A 110 10.93 -22.51 1.00
CA LEU A 110 10.84 -21.05 1.02
C LEU A 110 12.24 -20.46 1.09
N GLU A 111 13.08 -21.09 1.91
CA GLU A 111 14.46 -20.64 2.07
C GLU A 111 15.22 -20.65 0.73
N SER A 112 15.19 -21.78 0.03
CA SER A 112 15.87 -21.89 -1.26
C SER A 112 15.36 -20.89 -2.28
N PHE A 113 14.06 -20.60 -2.23
CA PHE A 113 13.45 -19.65 -3.16
C PHE A 113 14.00 -18.24 -2.90
N VAL A 114 13.96 -17.83 -1.64
CA VAL A 114 14.46 -16.51 -1.27
C VAL A 114 15.95 -16.35 -1.61
N ASN A 115 16.73 -17.40 -1.40
CA ASN A 115 18.16 -17.36 -1.71
C ASN A 115 18.38 -17.29 -3.22
N GLN A 116 17.52 -17.98 -3.99
CA GLN A 116 17.65 -17.96 -5.44
C GLN A 116 17.29 -16.55 -5.93
N GLN A 117 16.24 -16.00 -5.35
CA GLN A 117 15.77 -14.66 -5.69
C GLN A 117 16.88 -13.64 -5.41
N GLU A 118 17.54 -13.78 -4.27
CA GLU A 118 18.63 -12.87 -3.90
C GLU A 118 19.80 -13.00 -4.88
N ALA A 119 20.13 -14.24 -5.21
CA ALA A 119 21.23 -14.50 -6.14
C ALA A 119 20.96 -13.91 -7.53
N LEU A 120 19.71 -14.04 -8.00
CA LEU A 120 19.34 -13.51 -9.31
C LEU A 120 19.32 -11.98 -9.33
N LYS A 121 18.89 -11.37 -8.24
CA LYS A 121 18.87 -9.91 -8.16
C LYS A 121 20.31 -9.39 -8.25
N ASN A 122 21.23 -10.10 -7.61
CA ASN A 122 22.63 -9.73 -7.62
C ASN A 122 23.23 -9.83 -9.01
N ILE A 123 22.84 -10.86 -9.74
CA ILE A 123 23.33 -11.09 -11.10
C ILE A 123 22.77 -10.12 -12.14
N LEU A 124 21.50 -9.76 -12.00
CA LEU A 124 20.83 -8.89 -12.96
C LEU A 124 20.63 -7.43 -12.54
N GLN A 125 21.09 -7.08 -11.36
CA GLN A 125 20.93 -5.71 -10.86
C GLN A 125 21.33 -4.64 -11.86
N GLU A 126 22.46 -4.84 -12.54
CA GLU A 126 22.96 -3.87 -13.51
C GLU A 126 22.00 -3.56 -14.67
N TYR A 127 20.99 -4.40 -14.85
CA TYR A 127 20.03 -4.21 -15.94
C TYR A 127 18.76 -3.52 -15.49
N ALA A 128 18.68 -3.24 -14.19
CA ALA A 128 17.50 -2.58 -13.63
C ALA A 128 17.32 -1.18 -14.23
N LYS A 129 16.07 -0.81 -14.46
CA LYS A 129 15.74 0.48 -15.02
C LYS A 129 16.40 1.59 -14.24
N VAL A 130 16.88 2.59 -14.97
CA VAL A 130 17.53 3.77 -14.39
C VAL A 130 16.44 4.80 -14.14
N LEU B 1 12.31 12.74 23.44
CA LEU B 1 11.65 11.76 22.52
C LEU B 1 11.48 10.43 23.24
N GLN B 2 12.43 10.12 24.12
CA GLN B 2 12.37 8.87 24.88
C GLN B 2 11.09 8.82 25.70
N ALA B 3 10.72 9.95 26.29
CA ALA B 3 9.51 10.05 27.10
C ALA B 3 8.29 9.81 26.19
N HIS B 4 8.35 10.37 24.99
CA HIS B 4 7.26 10.19 24.03
C HIS B 4 7.17 8.69 23.70
N GLN B 5 8.33 8.06 23.53
CA GLN B 5 8.39 6.63 23.23
C GLN B 5 7.80 5.78 24.36
N ASP B 6 8.06 6.16 25.61
CA ASP B 6 7.53 5.41 26.74
C ASP B 6 6.01 5.49 26.78
N ILE B 7 5.47 6.68 26.51
CA ILE B 7 4.02 6.90 26.51
C ILE B 7 3.36 6.06 25.41
N ILE B 8 3.83 6.17 24.18
CA ILE B 8 3.21 5.41 23.10
C ILE B 8 3.37 3.91 23.31
N ALA B 9 4.42 3.50 24.01
CA ALA B 9 4.62 2.08 24.28
C ALA B 9 3.53 1.62 25.24
N ASN B 10 3.21 2.46 26.22
CA ASN B 10 2.15 2.13 27.18
C ASN B 10 0.84 1.93 26.44
N ILE B 11 0.57 2.80 25.48
CA ILE B 11 -0.65 2.71 24.69
C ILE B 11 -0.68 1.39 23.92
N GLY B 12 0.46 1.03 23.32
CA GLY B 12 0.53 -0.22 22.58
C GLY B 12 0.13 -1.41 23.45
N GLU B 13 0.62 -1.44 24.69
CA GLU B 13 0.27 -2.54 25.59
C GLU B 13 -1.24 -2.64 25.77
N LYS B 14 -1.89 -1.49 25.92
CA LYS B 14 -3.34 -1.46 26.10
C LYS B 14 -4.09 -1.97 24.88
N LEU B 15 -3.56 -1.66 23.69
CA LEU B 15 -4.20 -2.06 22.45
C LEU B 15 -3.69 -3.39 21.90
N GLY B 16 -2.73 -3.99 22.59
CA GLY B 16 -2.19 -5.27 22.16
C GLY B 16 -1.18 -5.25 21.01
N LEU B 17 -0.50 -4.13 20.80
CA LEU B 17 0.50 -4.00 19.73
C LEU B 17 1.72 -3.25 20.22
N PRO B 18 2.91 -3.64 19.76
CA PRO B 18 4.14 -2.95 20.18
C PRO B 18 4.31 -1.67 19.37
N LEU B 19 3.66 -0.58 19.81
CA LEU B 19 3.73 0.70 19.10
C LEU B 19 4.97 1.51 19.40
N THR B 20 5.41 2.29 18.41
CA THR B 20 6.59 3.13 18.57
C THR B 20 6.59 4.27 17.54
N PHE B 21 7.36 5.32 17.84
CA PHE B 21 7.49 6.46 16.92
C PHE B 21 8.69 6.18 16.03
N ASP B 22 8.54 6.35 14.71
CA ASP B 22 9.64 6.09 13.78
C ASP B 22 10.64 7.25 13.69
N ASP B 23 11.47 7.24 12.66
CA ASP B 23 12.48 8.28 12.47
C ASP B 23 11.91 9.66 12.23
N ASN B 24 10.66 9.73 11.78
CA ASN B 24 10.03 11.02 11.54
C ASN B 24 9.13 11.38 12.73
N ASN B 25 9.35 10.72 13.86
CA ASN B 25 8.56 10.96 15.07
C ASN B 25 7.08 10.64 14.85
N GLN B 26 6.80 9.67 14.00
CA GLN B 26 5.41 9.30 13.73
C GLN B 26 5.11 7.82 13.89
N CYS B 27 3.84 7.54 14.21
CA CYS B 27 3.35 6.19 14.36
C CYS B 27 2.18 6.13 13.37
N LEU B 28 2.35 5.33 12.32
CA LEU B 28 1.35 5.19 11.27
C LEU B 28 0.52 3.95 11.54
N LEU B 29 -0.80 4.12 11.53
CA LEU B 29 -1.72 3.03 11.82
C LEU B 29 -2.79 2.77 10.77
N LEU B 30 -3.19 1.51 10.66
CA LEU B 30 -4.26 1.10 9.77
C LEU B 30 -5.26 0.43 10.70
N LEU B 31 -6.45 1.02 10.80
CA LEU B 31 -7.47 0.49 11.69
C LEU B 31 -8.59 -0.14 10.87
N ASP B 32 -8.98 -1.35 11.27
CA ASP B 32 -10.03 -2.09 10.56
C ASP B 32 -9.77 -2.10 9.06
N SER B 33 -8.49 -2.10 8.68
CA SER B 33 -8.06 -2.12 7.28
C SER B 33 -8.76 -1.13 6.32
N ASP B 34 -9.12 0.05 6.82
CA ASP B 34 -9.82 1.03 5.98
C ASP B 34 -9.64 2.47 6.48
N ILE B 35 -9.19 2.60 7.72
CA ILE B 35 -8.99 3.90 8.34
C ILE B 35 -7.51 4.17 8.59
N PHE B 36 -6.98 5.23 7.97
CA PHE B 36 -5.58 5.60 8.15
C PHE B 36 -5.48 6.71 9.18
N THR B 37 -4.75 6.44 10.26
CA THR B 37 -4.58 7.40 11.35
C THR B 37 -3.11 7.44 11.78
N SER B 38 -2.56 8.64 11.92
CA SER B 38 -1.17 8.77 12.33
C SER B 38 -1.03 9.63 13.59
N ILE B 39 0.00 9.33 14.38
CA ILE B 39 0.29 10.06 15.60
C ILE B 39 1.70 10.62 15.50
N GLU B 40 1.85 11.92 15.71
CA GLU B 40 3.16 12.54 15.65
C GLU B 40 3.52 13.29 16.94
N ALA B 41 4.63 12.89 17.55
CA ALA B 41 5.09 13.53 18.76
C ALA B 41 5.74 14.84 18.32
N LYS B 42 5.25 15.94 18.86
CA LYS B 42 5.77 17.25 18.48
C LYS B 42 5.89 18.13 19.72
N ASP B 43 7.11 18.24 20.24
CA ASP B 43 7.38 19.05 21.42
C ASP B 43 6.59 18.55 22.62
N ASP B 44 5.97 19.46 23.35
CA ASP B 44 4.82 18.95 24.23
C ASP B 44 3.47 18.32 23.89
N ILE B 45 3.16 18.17 22.61
CA ILE B 45 1.89 17.57 22.21
C ILE B 45 2.04 16.43 21.22
N TRP B 46 0.91 15.81 20.90
CA TRP B 46 0.84 14.73 19.94
C TRP B 46 -0.13 15.25 18.88
N LEU B 47 0.27 15.16 17.62
CA LEU B 47 -0.60 15.61 16.54
C LEU B 47 -1.20 14.38 15.85
N LEU B 48 -2.52 14.34 15.81
CA LEU B 48 -3.24 13.24 15.17
C LEU B 48 -3.66 13.71 13.78
N ASN B 49 -3.49 12.82 12.80
CA ASN B 49 -3.89 13.09 11.41
C ASN B 49 -4.78 11.92 10.99
N GLY B 50 -5.90 12.23 10.34
CA GLY B 50 -6.80 11.19 9.88
C GLY B 50 -7.29 11.47 8.48
N MET B 51 -6.91 10.63 7.52
CA MET B 51 -7.33 10.86 6.15
C MET B 51 -8.83 10.62 6.00
N ILE B 52 -9.50 11.54 5.31
CA ILE B 52 -10.94 11.41 5.08
C ILE B 52 -11.12 10.88 3.65
N ILE B 53 -10.83 11.72 2.65
CA ILE B 53 -10.97 11.31 1.26
C ILE B 53 -10.05 12.08 0.33
N PRO B 54 -9.73 11.49 -0.84
CA PRO B 54 -8.87 12.21 -1.78
C PRO B 54 -9.90 13.17 -2.37
N LEU B 55 -9.55 14.44 -2.52
CA LEU B 55 -10.52 15.43 -3.00
C LEU B 55 -9.96 16.34 -4.08
N SER B 56 -10.75 16.56 -5.14
CA SER B 56 -10.36 17.44 -6.23
C SER B 56 -10.15 18.86 -5.75
N PRO B 57 -9.07 19.51 -6.21
CA PRO B 57 -8.81 20.90 -5.80
C PRO B 57 -9.84 21.88 -6.37
N VAL B 58 -10.65 21.38 -7.30
CA VAL B 58 -11.69 22.20 -7.92
C VAL B 58 -13.03 21.50 -7.75
N CYS B 59 -13.28 20.99 -6.55
CA CYS B 59 -14.53 20.28 -6.25
C CYS B 59 -15.74 21.20 -6.26
N GLY B 60 -15.50 22.51 -6.30
CA GLY B 60 -16.61 23.45 -6.35
C GLY B 60 -17.07 24.04 -5.03
N ASP B 61 -17.73 25.20 -5.09
CA ASP B 61 -18.23 25.89 -3.92
C ASP B 61 -19.08 25.07 -2.94
N SER B 62 -20.05 24.31 -3.46
CA SER B 62 -20.92 23.52 -2.59
C SER B 62 -20.15 22.60 -1.64
N ILE B 63 -19.20 21.86 -2.18
CA ILE B 63 -18.43 20.92 -1.36
C ILE B 63 -17.48 21.66 -0.41
N TRP B 64 -16.76 22.66 -0.91
CA TRP B 64 -15.85 23.44 -0.07
C TRP B 64 -16.62 24.08 1.09
N ARG B 65 -17.73 24.77 0.78
CA ARG B 65 -18.52 25.42 1.82
C ARG B 65 -19.05 24.42 2.85
N GLN B 66 -19.50 23.25 2.39
CA GLN B 66 -20.00 22.25 3.34
C GLN B 66 -18.91 21.84 4.33
N ILE B 67 -17.71 21.61 3.81
CA ILE B 67 -16.59 21.22 4.65
C ILE B 67 -16.26 22.34 5.64
N MET B 68 -16.23 23.58 5.16
CA MET B 68 -15.92 24.73 6.02
C MET B 68 -16.99 25.01 7.06
N VAL B 69 -18.24 24.64 6.77
CA VAL B 69 -19.31 24.81 7.72
C VAL B 69 -19.14 23.75 8.81
N ILE B 70 -18.72 22.56 8.39
CA ILE B 70 -18.50 21.48 9.33
C ILE B 70 -17.34 21.85 10.27
N ASN B 71 -16.37 22.61 9.78
CA ASN B 71 -15.26 23.03 10.64
C ASN B 71 -15.76 23.81 11.85
N GLY B 72 -16.84 24.56 11.65
CA GLY B 72 -17.42 25.31 12.74
C GLY B 72 -17.93 24.37 13.82
N GLU B 73 -18.53 23.26 13.37
CA GLU B 73 -19.06 22.25 14.28
C GLU B 73 -17.94 21.52 15.04
N LEU B 74 -16.90 21.11 14.32
CA LEU B 74 -15.79 20.42 14.96
C LEU B 74 -15.11 21.32 16.00
N ALA B 75 -14.83 22.55 15.61
CA ALA B 75 -14.15 23.53 16.48
C ALA B 75 -14.90 23.85 17.77
N ALA B 76 -16.23 23.77 17.71
CA ALA B 76 -17.09 24.03 18.86
C ALA B 76 -16.83 23.06 20.00
N ASN B 77 -16.55 21.81 19.67
CA ASN B 77 -16.28 20.80 20.69
C ASN B 77 -14.83 20.37 20.66
N ASN B 78 -14.01 21.14 19.95
CA ASN B 78 -12.59 20.86 19.86
C ASN B 78 -12.31 19.42 19.39
N GLU B 79 -13.05 18.95 18.39
CA GLU B 79 -12.86 17.60 17.87
C GLU B 79 -11.76 17.56 16.81
N GLY B 80 -11.42 18.71 16.26
CA GLY B 80 -10.37 18.74 15.25
C GLY B 80 -10.59 19.77 14.16
N THR B 81 -9.75 19.71 13.13
CA THR B 81 -9.82 20.65 12.00
C THR B 81 -9.73 19.92 10.66
N LEU B 82 -10.61 20.26 9.72
CA LEU B 82 -10.54 19.65 8.40
C LEU B 82 -9.65 20.57 7.59
N ALA B 83 -8.61 19.99 6.98
CA ALA B 83 -7.67 20.79 6.20
C ALA B 83 -7.38 20.13 4.87
N TYR B 84 -6.85 20.91 3.94
CA TYR B 84 -6.50 20.40 2.62
C TYR B 84 -4.99 20.35 2.45
N ILE B 85 -4.46 19.19 2.06
CA ILE B 85 -3.04 19.04 1.84
C ILE B 85 -2.91 19.11 0.32
N ASP B 86 -2.48 20.27 -0.16
CA ASP B 86 -2.34 20.54 -1.59
C ASP B 86 -1.57 19.54 -2.43
N ALA B 87 -0.34 19.21 -2.03
CA ALA B 87 0.48 18.26 -2.78
C ALA B 87 -0.14 16.87 -2.88
N ALA B 88 -0.94 16.50 -1.88
CA ALA B 88 -1.58 15.19 -1.87
C ALA B 88 -3.03 15.22 -2.33
N GLU B 89 -3.56 16.42 -2.55
CA GLU B 89 -4.96 16.58 -2.96
C GLU B 89 -5.84 15.71 -2.08
N THR B 90 -5.63 15.83 -0.79
CA THR B 90 -6.35 15.04 0.20
C THR B 90 -6.95 15.87 1.33
N LEU B 91 -8.17 15.49 1.74
CA LEU B 91 -8.88 16.17 2.83
C LEU B 91 -8.40 15.44 4.08
N LEU B 92 -7.93 16.19 5.07
CA LEU B 92 -7.40 15.60 6.30
C LEU B 92 -7.98 16.20 7.59
N LEU B 93 -8.24 15.35 8.58
CA LEU B 93 -8.73 15.80 9.88
C LEU B 93 -7.46 15.84 10.75
N ILE B 94 -7.28 16.93 11.50
CA ILE B 94 -6.11 17.11 12.37
C ILE B 94 -6.58 17.53 13.75
N HIS B 95 -5.94 17.02 14.79
CA HIS B 95 -6.30 17.36 16.17
C HIS B 95 -5.08 17.16 17.06
N ALA B 96 -4.83 18.12 17.93
CA ALA B 96 -3.69 18.01 18.83
C ALA B 96 -4.12 17.53 20.21
N ILE B 97 -3.36 16.60 20.78
CA ILE B 97 -3.61 16.11 22.13
C ILE B 97 -2.58 16.86 22.98
N THR B 98 -3.05 17.69 23.89
CA THR B 98 -2.17 18.49 24.74
C THR B 98 -1.95 17.90 26.13
N ASP B 99 -2.81 16.96 26.53
CA ASP B 99 -2.68 16.33 27.83
C ASP B 99 -2.27 14.87 27.68
N LEU B 100 -0.97 14.60 27.88
CA LEU B 100 -0.41 13.26 27.75
C LEU B 100 -0.04 12.64 29.11
N THR B 101 -0.70 13.08 30.17
CA THR B 101 -0.41 12.58 31.50
C THR B 101 -1.09 11.28 31.92
N ASN B 102 -2.13 10.87 31.19
CA ASN B 102 -2.86 9.66 31.55
C ASN B 102 -3.09 8.72 30.37
N THR B 103 -2.51 7.53 30.43
CA THR B 103 -2.61 6.55 29.35
C THR B 103 -4.04 6.28 28.86
N TYR B 104 -4.95 5.91 29.76
CA TYR B 104 -6.31 5.64 29.32
C TYR B 104 -7.04 6.89 28.81
N HIS B 105 -6.65 8.06 29.30
CA HIS B 105 -7.29 9.29 28.84
C HIS B 105 -6.81 9.56 27.41
N ILE B 106 -5.56 9.20 27.13
CA ILE B 106 -5.04 9.38 25.78
C ILE B 106 -5.81 8.45 24.85
N ILE B 107 -6.04 7.23 25.32
CA ILE B 107 -6.78 6.20 24.56
C ILE B 107 -8.16 6.76 24.23
N SER B 108 -8.80 7.37 25.23
CA SER B 108 -10.12 7.96 25.03
C SER B 108 -10.10 9.02 23.94
N GLN B 109 -9.09 9.88 23.97
CA GLN B 109 -8.96 10.91 22.96
C GLN B 109 -8.71 10.30 21.57
N LEU B 110 -7.90 9.24 21.50
CA LEU B 110 -7.61 8.60 20.21
C LEU B 110 -8.88 7.95 19.68
N GLU B 111 -9.65 7.32 20.57
CA GLU B 111 -10.90 6.68 20.17
C GLU B 111 -11.88 7.71 19.60
N SER B 112 -12.02 8.86 20.26
CA SER B 112 -12.93 9.90 19.76
C SER B 112 -12.48 10.43 18.41
N PHE B 113 -11.17 10.60 18.22
CA PHE B 113 -10.65 11.10 16.95
C PHE B 113 -10.98 10.11 15.82
N VAL B 114 -10.70 8.83 16.05
CA VAL B 114 -10.98 7.80 15.04
C VAL B 114 -12.47 7.73 14.70
N ASN B 115 -13.32 7.79 15.71
CA ASN B 115 -14.77 7.74 15.48
C ASN B 115 -15.23 8.97 14.71
N GLN B 116 -14.63 10.12 14.99
CA GLN B 116 -14.98 11.35 14.29
C GLN B 116 -14.52 11.22 12.83
N GLN B 117 -13.33 10.66 12.64
CA GLN B 117 -12.78 10.47 11.31
C GLN B 117 -13.67 9.54 10.48
N GLU B 118 -14.11 8.44 11.10
CA GLU B 118 -14.98 7.47 10.44
C GLU B 118 -16.34 8.11 10.08
N ALA B 119 -16.84 8.97 10.95
CA ALA B 119 -18.11 9.65 10.72
C ALA B 119 -18.01 10.65 9.57
N LEU B 120 -16.91 11.39 9.50
CA LEU B 120 -16.74 12.36 8.43
C LEU B 120 -16.58 11.67 7.07
N LYS B 121 -15.92 10.52 7.07
CA LYS B 121 -15.75 9.76 5.83
C LYS B 121 -17.10 9.31 5.29
N ASN B 122 -17.98 8.88 6.17
CA ASN B 122 -19.30 8.42 5.75
C ASN B 122 -20.12 9.56 5.16
N ILE B 123 -20.03 10.73 5.76
CA ILE B 123 -20.76 11.90 5.29
C ILE B 123 -20.22 12.48 3.99
N LEU B 124 -18.89 12.46 3.82
CA LEU B 124 -18.25 13.03 2.64
C LEU B 124 -17.77 12.02 1.58
N GLN B 125 -18.06 10.74 1.78
CA GLN B 125 -17.66 9.69 0.85
C GLN B 125 -18.03 9.98 -0.61
N GLU B 126 -19.22 10.49 -0.83
CA GLU B 126 -19.70 10.80 -2.19
C GLU B 126 -18.83 11.78 -2.95
N TYR B 127 -18.12 12.65 -2.23
CA TYR B 127 -17.28 13.65 -2.86
C TYR B 127 -15.86 13.19 -3.18
N ALA B 128 -15.56 11.94 -2.88
CA ALA B 128 -14.21 11.41 -3.13
C ALA B 128 -13.89 11.32 -4.61
N LYS B 129 -12.61 11.50 -4.95
CA LYS B 129 -12.15 11.42 -6.34
C LYS B 129 -12.35 10.00 -6.85
N VAL B 130 -12.23 9.84 -8.17
CA VAL B 130 -12.41 8.54 -8.81
C VAL B 130 -11.40 7.51 -8.28
N LEU C 1 18.89 -45.90 -10.44
CA LEU C 1 18.41 -45.92 -11.85
C LEU C 1 17.52 -47.13 -12.09
N GLN C 2 17.77 -48.22 -11.37
CA GLN C 2 16.97 -49.41 -11.52
C GLN C 2 15.52 -49.07 -11.22
N ALA C 3 15.31 -48.25 -10.19
CA ALA C 3 13.97 -47.82 -9.79
C ALA C 3 13.32 -47.02 -10.92
N HIS C 4 14.09 -46.12 -11.53
CA HIS C 4 13.59 -45.29 -12.63
C HIS C 4 13.17 -46.18 -13.80
N GLN C 5 14.00 -47.16 -14.12
CA GLN C 5 13.73 -48.08 -15.21
C GLN C 5 12.45 -48.88 -14.98
N ASP C 6 12.18 -49.23 -13.73
CA ASP C 6 10.98 -50.00 -13.42
C ASP C 6 9.74 -49.13 -13.62
N ILE C 7 9.81 -47.91 -13.12
CA ILE C 7 8.71 -46.97 -13.25
C ILE C 7 8.40 -46.69 -14.71
N ILE C 8 9.43 -46.40 -15.50
CA ILE C 8 9.23 -46.11 -16.93
C ILE C 8 8.70 -47.33 -17.69
N ALA C 9 9.06 -48.53 -17.26
CA ALA C 9 8.59 -49.74 -17.92
C ALA C 9 7.09 -49.92 -17.68
N ASN C 10 6.65 -49.67 -16.45
CA ASN C 10 5.25 -49.79 -16.09
C ASN C 10 4.40 -48.83 -16.92
N ILE C 11 4.93 -47.63 -17.15
CA ILE C 11 4.23 -46.63 -17.95
C ILE C 11 4.11 -47.11 -19.39
N GLY C 12 5.15 -47.78 -19.87
CA GLY C 12 5.15 -48.27 -21.24
C GLY C 12 4.04 -49.27 -21.51
N GLU C 13 3.77 -50.15 -20.55
CA GLU C 13 2.72 -51.15 -20.70
C GLU C 13 1.36 -50.47 -20.77
N LYS C 14 1.20 -49.42 -19.99
CA LYS C 14 -0.04 -48.66 -19.96
C LYS C 14 -0.25 -47.99 -21.30
N LEU C 15 0.84 -47.47 -21.88
CA LEU C 15 0.77 -46.77 -23.14
C LEU C 15 0.93 -47.66 -24.36
N GLY C 16 1.40 -48.89 -24.15
CA GLY C 16 1.58 -49.82 -25.26
C GLY C 16 2.87 -49.74 -26.05
N LEU C 17 3.99 -49.56 -25.35
CA LEU C 17 5.30 -49.50 -26.00
C LEU C 17 6.40 -49.75 -24.99
N PRO C 18 7.53 -50.32 -25.45
CA PRO C 18 8.69 -50.64 -24.60
C PRO C 18 9.53 -49.43 -24.21
N LEU C 19 8.96 -48.54 -23.40
CA LEU C 19 9.70 -47.36 -22.95
C LEU C 19 10.82 -47.78 -22.02
N THR C 20 11.89 -46.98 -21.98
CA THR C 20 13.03 -47.25 -21.13
C THR C 20 13.98 -46.07 -21.24
N PHE C 21 14.92 -45.95 -20.30
CA PHE C 21 15.88 -44.87 -20.31
C PHE C 21 17.17 -45.34 -20.97
N ASP C 22 17.81 -44.47 -21.74
CA ASP C 22 19.04 -44.82 -22.42
C ASP C 22 20.27 -44.41 -21.61
N ASP C 23 21.44 -44.44 -22.24
CA ASP C 23 22.68 -44.09 -21.56
C ASP C 23 22.77 -42.62 -21.19
N ASN C 24 21.90 -41.80 -21.77
CA ASN C 24 21.90 -40.36 -21.49
C ASN C 24 20.82 -40.06 -20.45
N ASN C 25 20.22 -41.12 -19.90
CA ASN C 25 19.16 -41.00 -18.91
C ASN C 25 17.93 -40.37 -19.57
N GLN C 26 17.84 -40.51 -20.89
CA GLN C 26 16.74 -39.96 -21.67
C GLN C 26 15.87 -41.05 -22.32
N CYS C 27 14.65 -40.65 -22.69
CA CYS C 27 13.71 -41.53 -23.38
C CYS C 27 12.99 -40.65 -24.40
N LEU C 28 13.48 -40.67 -25.63
CA LEU C 28 12.94 -39.85 -26.71
C LEU C 28 11.62 -40.36 -27.27
N LEU C 29 10.70 -39.43 -27.51
CA LEU C 29 9.38 -39.76 -28.02
C LEU C 29 8.97 -38.81 -29.14
N LEU C 30 8.08 -39.30 -30.00
CA LEU C 30 7.55 -38.50 -31.09
C LEU C 30 6.04 -38.60 -31.01
N LEU C 31 5.35 -37.46 -31.04
CA LEU C 31 3.90 -37.45 -30.98
C LEU C 31 3.41 -36.97 -32.33
N ASP C 32 2.42 -37.68 -32.87
CA ASP C 32 1.87 -37.39 -34.19
C ASP C 32 3.05 -37.32 -35.15
N SER C 33 3.21 -36.23 -35.89
CA SER C 33 4.31 -36.17 -36.83
C SER C 33 5.42 -35.16 -36.56
N ASP C 34 5.16 -34.14 -35.75
CA ASP C 34 6.15 -33.10 -35.51
C ASP C 34 6.34 -32.61 -34.07
N ILE C 35 5.97 -33.43 -33.09
CA ILE C 35 6.11 -33.05 -31.68
C ILE C 35 7.14 -33.96 -31.01
N PHE C 36 8.32 -33.40 -30.72
CA PHE C 36 9.38 -34.17 -30.08
C PHE C 36 9.46 -33.91 -28.59
N THR C 37 9.41 -35.00 -27.84
CA THR C 37 9.41 -34.95 -26.39
C THR C 37 10.40 -35.92 -25.80
N SER C 38 10.87 -35.60 -24.61
CA SER C 38 11.82 -36.46 -23.92
C SER C 38 11.54 -36.55 -22.42
N ILE C 39 11.59 -37.77 -21.89
CA ILE C 39 11.40 -38.02 -20.45
C ILE C 39 12.82 -38.27 -19.93
N GLU C 40 13.21 -37.52 -18.91
CA GLU C 40 14.57 -37.60 -18.36
C GLU C 40 14.63 -37.93 -16.87
N ALA C 41 15.43 -38.95 -16.53
CA ALA C 41 15.61 -39.35 -15.15
C ALA C 41 16.71 -38.49 -14.56
N LYS C 42 16.42 -37.79 -13.47
CA LYS C 42 17.41 -36.91 -12.85
C LYS C 42 17.36 -36.93 -11.32
N ASP C 43 18.18 -37.79 -10.72
CA ASP C 43 18.23 -37.92 -9.27
C ASP C 43 16.87 -38.36 -8.73
N ASP C 44 16.41 -37.70 -7.67
CA ASP C 44 14.96 -37.84 -7.32
C ASP C 44 13.76 -37.29 -8.10
N ILE C 45 13.99 -36.81 -9.32
CA ILE C 45 12.88 -36.30 -10.12
C ILE C 45 13.01 -36.70 -11.59
N TRP C 46 11.97 -36.42 -12.35
CA TRP C 46 11.96 -36.67 -13.79
C TRP C 46 11.70 -35.32 -14.43
N LEU C 47 12.38 -35.06 -15.54
CA LEU C 47 12.17 -33.81 -16.27
C LEU C 47 11.54 -34.16 -17.62
N LEU C 48 10.54 -33.38 -18.01
CA LEU C 48 9.93 -33.57 -19.30
C LEU C 48 10.49 -32.43 -20.14
N ASN C 49 11.09 -32.78 -21.28
CA ASN C 49 11.68 -31.81 -22.18
C ASN C 49 10.86 -31.77 -23.47
N GLY C 50 10.53 -30.58 -23.93
CA GLY C 50 9.74 -30.46 -25.14
C GLY C 50 10.25 -29.46 -26.16
N MET C 51 10.51 -29.96 -27.37
CA MET C 51 10.98 -29.12 -28.46
C MET C 51 9.85 -28.16 -28.82
N ILE C 52 10.15 -26.86 -28.86
CA ILE C 52 9.15 -25.89 -29.25
C ILE C 52 9.53 -25.37 -30.64
N ILE C 53 10.58 -24.57 -30.74
CA ILE C 53 11.04 -24.04 -32.03
C ILE C 53 12.51 -23.62 -32.06
N PRO C 54 13.16 -23.72 -33.23
CA PRO C 54 14.56 -23.29 -33.31
C PRO C 54 14.33 -21.79 -33.37
N LEU C 55 15.11 -21.02 -32.62
CA LEU C 55 14.86 -19.59 -32.57
C LEU C 55 16.12 -18.76 -32.57
N SER C 56 16.09 -17.67 -33.32
CA SER C 56 17.23 -16.76 -33.42
C SER C 56 17.59 -16.13 -32.09
N PRO C 57 18.90 -16.11 -31.76
CA PRO C 57 19.35 -15.52 -30.50
C PRO C 57 19.14 -14.01 -30.49
N VAL C 58 18.87 -13.44 -31.67
CA VAL C 58 18.62 -12.01 -31.81
C VAL C 58 17.26 -11.78 -32.45
N CYS C 59 16.27 -12.54 -32.02
CA CYS C 59 14.92 -12.42 -32.57
C CYS C 59 14.25 -11.07 -32.30
N GLY C 60 14.81 -10.28 -31.39
CA GLY C 60 14.22 -8.98 -31.13
C GLY C 60 13.39 -8.87 -29.85
N ASP C 61 13.27 -7.66 -29.33
CA ASP C 61 12.52 -7.40 -28.11
C ASP C 61 11.10 -7.95 -28.10
N SER C 62 10.34 -7.62 -29.15
CA SER C 62 8.96 -8.07 -29.21
C SER C 62 8.77 -9.57 -29.02
N ILE C 63 9.59 -10.39 -29.67
CA ILE C 63 9.45 -11.85 -29.53
C ILE C 63 9.92 -12.38 -28.17
N TRP C 64 11.07 -11.91 -27.69
CA TRP C 64 11.59 -12.34 -26.40
C TRP C 64 10.58 -11.99 -25.30
N ARG C 65 10.08 -10.75 -25.33
CA ARG C 65 9.10 -10.28 -24.33
C ARG C 65 7.83 -11.12 -24.34
N GLN C 66 7.38 -11.50 -25.53
CA GLN C 66 6.16 -12.31 -25.64
C GLN C 66 6.39 -13.66 -24.96
N ILE C 67 7.56 -14.25 -25.21
CA ILE C 67 7.88 -15.54 -24.61
C ILE C 67 7.98 -15.42 -23.08
N MET C 68 8.59 -14.34 -22.62
CA MET C 68 8.75 -14.12 -21.18
C MET C 68 7.40 -13.85 -20.49
N VAL C 69 6.47 -13.23 -21.22
CA VAL C 69 5.14 -12.97 -20.67
C VAL C 69 4.44 -14.31 -20.54
N ILE C 70 4.59 -15.14 -21.57
CA ILE C 70 4.01 -16.48 -21.56
C ILE C 70 4.55 -17.30 -20.37
N ASN C 71 5.83 -17.10 -20.03
CA ASN C 71 6.42 -17.83 -18.91
C ASN C 71 5.64 -17.53 -17.63
N GLY C 72 5.08 -16.32 -17.55
CA GLY C 72 4.30 -15.92 -16.39
C GLY C 72 3.05 -16.77 -16.26
N GLU C 73 2.36 -16.98 -17.37
CA GLU C 73 1.14 -17.79 -17.41
C GLU C 73 1.43 -19.25 -17.11
N LEU C 74 2.50 -19.78 -17.71
CA LEU C 74 2.89 -21.17 -17.49
C LEU C 74 3.24 -21.45 -16.03
N ALA C 75 4.08 -20.59 -15.45
CA ALA C 75 4.49 -20.76 -14.07
C ALA C 75 3.33 -20.64 -13.07
N ALA C 76 2.38 -19.76 -13.38
CA ALA C 76 1.21 -19.58 -12.50
C ALA C 76 0.47 -20.89 -12.35
N ASN C 77 0.46 -21.70 -13.41
CA ASN C 77 -0.22 -23.00 -13.41
C ASN C 77 0.76 -24.16 -13.26
N ASN C 78 2.02 -23.85 -12.97
CA ASN C 78 3.05 -24.88 -12.82
C ASN C 78 3.04 -25.85 -13.99
N GLU C 79 2.93 -25.32 -15.19
CA GLU C 79 2.90 -26.16 -16.39
C GLU C 79 4.30 -26.36 -16.99
N GLY C 80 5.27 -25.57 -16.53
CA GLY C 80 6.62 -25.70 -17.04
C GLY C 80 7.31 -24.36 -17.28
N THR C 81 8.50 -24.42 -17.86
CA THR C 81 9.32 -23.24 -18.14
C THR C 81 9.83 -23.21 -19.58
N LEU C 82 9.72 -22.06 -20.25
CA LEU C 82 10.24 -21.90 -21.60
C LEU C 82 11.68 -21.42 -21.40
N ALA C 83 12.64 -22.18 -21.92
CA ALA C 83 14.05 -21.85 -21.77
C ALA C 83 14.80 -21.87 -23.08
N TYR C 84 15.85 -21.06 -23.15
CA TYR C 84 16.66 -20.99 -24.37
C TYR C 84 17.97 -21.73 -24.18
N ILE C 85 18.28 -22.65 -25.09
CA ILE C 85 19.54 -23.41 -25.05
C ILE C 85 20.40 -22.67 -26.08
N ASP C 86 21.35 -21.92 -25.55
CA ASP C 86 22.25 -21.07 -26.33
C ASP C 86 22.85 -21.54 -27.66
N ALA C 87 23.85 -22.41 -27.60
CA ALA C 87 24.51 -22.87 -28.82
C ALA C 87 23.53 -23.52 -29.81
N ALA C 88 22.66 -24.38 -29.30
CA ALA C 88 21.68 -25.08 -30.13
C ALA C 88 20.62 -24.13 -30.69
N GLU C 89 20.61 -22.88 -30.21
CA GLU C 89 19.65 -21.86 -30.64
C GLU C 89 18.24 -22.44 -30.64
N THR C 90 17.87 -23.09 -29.54
CA THR C 90 16.58 -23.76 -29.43
C THR C 90 15.75 -23.31 -28.23
N LEU C 91 14.45 -23.16 -28.45
CA LEU C 91 13.53 -22.80 -27.37
C LEU C 91 12.89 -24.12 -26.91
N LEU C 92 13.05 -24.45 -25.64
CA LEU C 92 12.49 -25.68 -25.07
C LEU C 92 11.50 -25.40 -23.96
N LEU C 93 10.59 -26.35 -23.75
CA LEU C 93 9.63 -26.29 -22.65
C LEU C 93 10.21 -27.35 -21.70
N ILE C 94 10.39 -27.00 -20.44
CA ILE C 94 10.93 -27.93 -19.45
C ILE C 94 10.06 -27.93 -18.20
N HIS C 95 9.69 -29.12 -17.74
CA HIS C 95 8.84 -29.27 -16.57
C HIS C 95 9.27 -30.46 -15.73
N ALA C 96 9.47 -30.24 -14.43
CA ALA C 96 9.88 -31.31 -13.54
C ALA C 96 8.69 -32.03 -12.92
N ILE C 97 8.84 -33.34 -12.72
CA ILE C 97 7.81 -34.14 -12.09
C ILE C 97 8.46 -34.58 -10.78
N THR C 98 7.99 -34.02 -9.68
CA THR C 98 8.54 -34.31 -8.36
C THR C 98 7.91 -35.52 -7.65
N ASP C 99 6.70 -35.90 -8.05
CA ASP C 99 6.02 -37.04 -7.43
C ASP C 99 6.02 -38.23 -8.39
N LEU C 100 6.88 -39.20 -8.10
CA LEU C 100 7.02 -40.40 -8.92
C LEU C 100 6.44 -41.66 -8.25
N THR C 101 5.66 -41.46 -7.20
CA THR C 101 5.08 -42.59 -6.48
C THR C 101 3.84 -43.18 -7.15
N ASN C 102 3.31 -42.48 -8.14
CA ASN C 102 2.11 -42.94 -8.82
C ASN C 102 2.23 -42.93 -10.34
N THR C 103 1.92 -44.07 -10.97
CA THR C 103 1.98 -44.20 -12.43
C THR C 103 0.90 -43.35 -13.09
N TYR C 104 -0.28 -43.32 -12.47
CA TYR C 104 -1.40 -42.54 -13.00
C TYR C 104 -1.03 -41.05 -13.04
N HIS C 105 -0.40 -40.58 -11.97
CA HIS C 105 0.01 -39.18 -11.88
C HIS C 105 1.02 -38.80 -12.96
N ILE C 106 2.05 -39.62 -13.12
CA ILE C 106 3.09 -39.37 -14.11
C ILE C 106 2.50 -39.25 -15.51
N ILE C 107 1.64 -40.20 -15.87
CA ILE C 107 1.00 -40.22 -17.17
C ILE C 107 0.14 -38.97 -17.35
N SER C 108 -0.51 -38.54 -16.27
CA SER C 108 -1.36 -37.36 -16.33
C SER C 108 -0.50 -36.13 -16.61
N GLN C 109 0.67 -36.08 -15.98
CA GLN C 109 1.62 -34.99 -16.15
C GLN C 109 2.09 -34.97 -17.61
N LEU C 110 2.42 -36.14 -18.13
CA LEU C 110 2.90 -36.28 -19.50
C LEU C 110 1.87 -35.85 -20.54
N GLU C 111 0.61 -36.23 -20.37
CA GLU C 111 -0.38 -35.84 -21.35
C GLU C 111 -0.65 -34.34 -21.33
N SER C 112 -0.61 -33.72 -20.16
CA SER C 112 -0.80 -32.27 -20.09
C SER C 112 0.41 -31.57 -20.73
N PHE C 113 1.60 -32.14 -20.52
CA PHE C 113 2.83 -31.58 -21.07
C PHE C 113 2.81 -31.53 -22.61
N VAL C 114 2.45 -32.64 -23.25
CA VAL C 114 2.42 -32.68 -24.71
C VAL C 114 1.35 -31.76 -25.29
N ASN C 115 0.24 -31.60 -24.59
CA ASN C 115 -0.81 -30.71 -25.07
C ASN C 115 -0.33 -29.27 -24.96
N GLN C 116 0.41 -28.98 -23.89
CA GLN C 116 0.94 -27.64 -23.68
C GLN C 116 1.96 -27.37 -24.78
N GLN C 117 2.77 -28.39 -25.08
CA GLN C 117 3.79 -28.30 -26.12
C GLN C 117 3.13 -27.91 -27.43
N GLU C 118 2.04 -28.59 -27.75
CA GLU C 118 1.29 -28.34 -28.98
C GLU C 118 0.75 -26.91 -29.05
N ALA C 119 0.17 -26.45 -27.95
CA ALA C 119 -0.38 -25.10 -27.89
C ALA C 119 0.67 -24.02 -28.08
N LEU C 120 1.83 -24.20 -27.45
CA LEU C 120 2.93 -23.24 -27.55
C LEU C 120 3.51 -23.21 -28.96
N LYS C 121 3.69 -24.39 -29.55
CA LYS C 121 4.23 -24.50 -30.91
C LYS C 121 3.33 -23.74 -31.89
N ASN C 122 2.02 -23.82 -31.66
CA ASN C 122 1.07 -23.13 -32.53
C ASN C 122 1.13 -21.63 -32.37
N ILE C 123 1.44 -21.18 -31.15
CA ILE C 123 1.53 -19.75 -30.88
C ILE C 123 2.86 -19.15 -31.38
N LEU C 124 3.94 -19.91 -31.26
CA LEU C 124 5.27 -19.42 -31.64
C LEU C 124 5.87 -19.89 -32.97
N GLN C 125 5.20 -20.81 -33.66
CA GLN C 125 5.73 -21.33 -34.93
C GLN C 125 6.08 -20.22 -35.92
N GLU C 126 5.28 -19.16 -35.97
CA GLU C 126 5.54 -18.07 -36.90
C GLU C 126 6.89 -17.41 -36.68
N TYR C 127 7.47 -17.61 -35.50
CA TYR C 127 8.77 -17.02 -35.17
C TYR C 127 9.89 -18.03 -35.38
N ALA C 128 9.53 -19.28 -35.68
CA ALA C 128 10.52 -20.33 -35.87
C ALA C 128 11.58 -19.90 -36.88
N LYS C 129 12.81 -20.29 -36.60
CA LYS C 129 13.96 -19.94 -37.42
C LYS C 129 14.00 -20.71 -38.74
N VAL C 130 13.84 -19.97 -39.83
CA VAL C 130 13.88 -20.56 -41.17
C VAL C 130 15.21 -21.25 -41.41
N LEU D 1 -21.63 28.57 36.34
CA LEU D 1 -21.15 29.76 35.58
C LEU D 1 -20.28 30.67 36.47
N GLN D 2 -20.43 30.55 37.78
CA GLN D 2 -19.66 31.39 38.71
C GLN D 2 -18.16 31.16 38.57
N ALA D 3 -17.75 29.90 38.47
CA ALA D 3 -16.34 29.58 38.33
C ALA D 3 -15.77 30.30 37.11
N HIS D 4 -16.54 30.30 36.02
CA HIS D 4 -16.12 30.98 34.79
C HIS D 4 -16.00 32.49 35.03
N GLN D 5 -16.97 33.04 35.74
CA GLN D 5 -16.96 34.47 36.05
C GLN D 5 -15.77 34.85 36.92
N ASP D 6 -15.36 33.96 37.82
CA ASP D 6 -14.21 34.26 38.68
C ASP D 6 -12.91 34.24 37.87
N ILE D 7 -12.79 33.30 36.96
CA ILE D 7 -11.60 33.20 36.13
C ILE D 7 -11.44 34.43 35.23
N ILE D 8 -12.51 34.85 34.57
CA ILE D 8 -12.42 36.00 33.69
C ILE D 8 -12.23 37.31 34.45
N ALA D 9 -12.67 37.34 35.71
CA ALA D 9 -12.51 38.53 36.53
C ALA D 9 -11.01 38.68 36.81
N ASN D 10 -10.36 37.54 37.05
CA ASN D 10 -8.93 37.54 37.31
C ASN D 10 -8.16 37.99 36.08
N ILE D 11 -8.53 37.46 34.92
CA ILE D 11 -7.89 37.85 33.68
C ILE D 11 -8.08 39.36 33.51
N GLY D 12 -9.28 39.82 33.85
CA GLY D 12 -9.59 41.24 33.74
C GLY D 12 -8.67 42.09 34.59
N GLU D 13 -8.36 41.60 35.79
CA GLU D 13 -7.48 42.33 36.70
C GLU D 13 -6.12 42.52 36.04
N LYS D 14 -5.65 41.47 35.36
CA LYS D 14 -4.35 41.51 34.69
C LYS D 14 -4.33 42.44 33.47
N LEU D 15 -5.45 42.53 32.78
CA LEU D 15 -5.55 43.36 31.58
C LEU D 15 -5.96 44.80 31.84
N GLY D 16 -6.60 45.05 32.98
CA GLY D 16 -7.03 46.39 33.32
C GLY D 16 -8.50 46.67 33.08
N LEU D 17 -9.31 45.63 32.94
CA LEU D 17 -10.74 45.82 32.69
C LEU D 17 -11.61 44.88 33.53
N PRO D 18 -12.80 45.35 33.94
CA PRO D 18 -13.72 44.54 34.75
C PRO D 18 -14.51 43.57 33.88
N LEU D 19 -13.80 42.63 33.26
CA LEU D 19 -14.39 41.64 32.36
C LEU D 19 -15.33 40.62 33.01
N THR D 20 -16.35 40.23 32.26
CA THR D 20 -17.32 39.26 32.72
C THR D 20 -18.06 38.72 31.48
N PHE D 21 -18.64 37.54 31.61
CA PHE D 21 -19.40 36.94 30.52
C PHE D 21 -20.84 37.47 30.55
N ASP D 22 -21.42 37.76 29.39
CA ASP D 22 -22.80 38.26 29.35
C ASP D 22 -23.81 37.11 29.33
N ASP D 23 -25.09 37.43 29.10
CA ASP D 23 -26.12 36.38 29.06
C ASP D 23 -25.91 35.36 27.95
N ASN D 24 -25.05 35.71 27.00
CA ASN D 24 -24.74 34.83 25.88
C ASN D 24 -23.50 34.02 26.19
N ASN D 25 -23.00 34.16 27.40
CA ASN D 25 -21.79 33.48 27.85
C ASN D 25 -20.62 33.97 27.00
N GLN D 26 -20.72 35.21 26.56
CA GLN D 26 -19.70 35.85 25.72
C GLN D 26 -19.08 37.10 26.36
N CYS D 27 -17.86 37.42 25.94
CA CYS D 27 -17.15 38.62 26.39
C CYS D 27 -16.56 39.23 25.12
N LEU D 28 -17.22 40.25 24.58
CA LEU D 28 -16.80 40.92 23.36
C LEU D 28 -15.65 41.91 23.55
N LEU D 29 -14.65 41.80 22.68
CA LEU D 29 -13.46 42.66 22.74
C LEU D 29 -13.09 43.26 21.39
N LEU D 30 -12.44 44.41 21.43
CA LEU D 30 -11.98 45.09 20.22
C LEU D 30 -10.50 45.43 20.45
N LEU D 31 -9.65 45.02 19.51
CA LEU D 31 -8.22 45.29 19.59
C LEU D 31 -7.95 46.33 18.52
N ASP D 32 -7.16 47.36 18.87
CA ASP D 32 -6.90 48.43 17.94
C ASP D 32 -8.27 48.96 17.54
N SER D 33 -8.52 49.16 16.25
CA SER D 33 -9.83 49.66 15.85
C SER D 33 -10.59 48.75 14.91
N ASP D 34 -10.03 47.58 14.59
CA ASP D 34 -10.72 46.68 13.66
C ASP D 34 -10.58 45.18 13.93
N ILE D 35 -10.03 44.80 15.08
CA ILE D 35 -9.90 43.38 15.40
C ILE D 35 -10.96 43.00 16.42
N PHE D 36 -12.00 42.30 15.97
CA PHE D 36 -13.07 41.87 16.87
C PHE D 36 -12.86 40.44 17.33
N THR D 37 -12.90 40.27 18.65
CA THR D 37 -12.66 38.99 19.30
C THR D 37 -13.65 38.79 20.43
N SER D 38 -13.90 37.52 20.78
CA SER D 38 -14.79 37.22 21.88
C SER D 38 -14.29 36.00 22.64
N ILE D 39 -14.45 36.03 23.95
CA ILE D 39 -14.07 34.91 24.79
C ILE D 39 -15.41 34.29 25.15
N GLU D 40 -15.55 33.00 24.92
CA GLU D 40 -16.81 32.31 25.17
C GLU D 40 -16.67 31.16 26.16
N ALA D 41 -17.49 31.19 27.21
CA ALA D 41 -17.47 30.12 28.22
C ALA D 41 -18.38 29.00 27.72
N LYS D 42 -17.84 27.79 27.67
CA LYS D 42 -18.61 26.64 27.19
C LYS D 42 -18.30 25.37 27.95
N ASP D 43 -19.15 25.06 28.93
CA ASP D 43 -19.01 23.88 29.76
C ASP D 43 -17.67 23.83 30.49
N ASP D 44 -17.01 22.67 30.47
CA ASP D 44 -15.49 22.74 30.72
C ASP D 44 -14.34 23.43 29.98
N ILE D 45 -14.66 24.22 28.97
CA ILE D 45 -13.62 24.91 28.21
C ILE D 45 -14.03 26.33 27.87
N TRP D 46 -13.11 27.04 27.23
CA TRP D 46 -13.34 28.40 26.76
C TRP D 46 -13.07 28.34 25.27
N LEU D 47 -13.82 29.12 24.50
CA LEU D 47 -13.61 29.20 23.07
C LEU D 47 -13.25 30.63 22.73
N LEU D 48 -12.20 30.80 21.93
CA LEU D 48 -11.81 32.11 21.47
C LEU D 48 -12.38 32.22 20.06
N ASN D 49 -13.15 33.28 19.81
CA ASN D 49 -13.77 33.53 18.51
C ASN D 49 -13.18 34.80 17.91
N GLY D 50 -12.73 34.71 16.67
CA GLY D 50 -12.15 35.86 16.01
C GLY D 50 -12.72 36.15 14.64
N MET D 51 -13.22 37.38 14.48
CA MET D 51 -13.78 37.81 13.21
C MET D 51 -12.63 37.98 12.21
N ILE D 52 -12.73 37.32 11.05
CA ILE D 52 -11.70 37.46 10.03
C ILE D 52 -12.25 38.36 8.92
N ILE D 53 -13.16 37.84 8.09
CA ILE D 53 -13.74 38.64 7.02
C ILE D 53 -15.12 38.17 6.60
N PRO D 54 -15.93 39.09 6.06
CA PRO D 54 -17.27 38.70 5.60
C PRO D 54 -16.85 38.09 4.25
N LEU D 55 -17.34 36.91 3.93
CA LEU D 55 -16.93 36.22 2.70
C LEU D 55 -18.08 35.60 1.92
N SER D 56 -18.05 35.78 0.59
CA SER D 56 -19.07 35.20 -0.28
C SER D 56 -19.12 33.69 -0.19
N PRO D 57 -20.33 33.10 -0.13
CA PRO D 57 -20.42 31.64 -0.05
C PRO D 57 -20.02 31.00 -1.39
N VAL D 58 -19.92 31.80 -2.43
CA VAL D 58 -19.53 31.32 -3.75
C VAL D 58 -18.26 32.05 -4.17
N CYS D 59 -17.33 32.20 -3.24
CA CYS D 59 -16.07 32.88 -3.51
C CYS D 59 -15.19 32.15 -4.54
N GLY D 60 -15.45 30.87 -4.77
CA GLY D 60 -14.66 30.13 -5.74
C GLY D 60 -13.61 29.16 -5.21
N ASP D 61 -13.29 28.15 -6.01
CA ASP D 61 -12.32 27.12 -5.63
C ASP D 61 -10.99 27.68 -5.12
N SER D 62 -10.42 28.61 -5.88
CA SER D 62 -9.13 29.19 -5.53
C SER D 62 -9.07 29.79 -4.12
N ILE D 63 -10.11 30.50 -3.71
CA ILE D 63 -10.13 31.11 -2.39
C ILE D 63 -10.41 30.09 -1.30
N TRP D 64 -11.36 29.20 -1.54
CA TRP D 64 -11.69 28.17 -0.56
C TRP D 64 -10.45 27.29 -0.32
N ARG D 65 -9.82 26.83 -1.41
CA ARG D 65 -8.64 25.98 -1.26
C ARG D 65 -7.54 26.65 -0.45
N GLN D 66 -7.28 27.92 -0.73
CA GLN D 66 -6.25 28.65 -0.01
C GLN D 66 -6.55 28.66 1.49
N ILE D 67 -7.82 28.85 1.82
CA ILE D 67 -8.26 28.88 3.22
C ILE D 67 -8.11 27.50 3.86
N MET D 68 -8.49 26.46 3.13
CA MET D 68 -8.37 25.10 3.65
C MET D 68 -6.90 24.65 3.77
N VAL D 69 -6.03 25.25 2.98
CA VAL D 69 -4.61 24.92 3.06
C VAL D 69 -4.06 25.59 4.31
N ILE D 70 -4.49 26.82 4.55
CA ILE D 70 -4.09 27.56 5.74
C ILE D 70 -4.54 26.78 6.98
N ASN D 71 -5.70 26.12 6.89
CA ASN D 71 -6.16 25.35 8.05
C ASN D 71 -5.17 24.26 8.45
N GLY D 72 -4.41 23.75 7.47
CA GLY D 72 -3.45 22.71 7.78
C GLY D 72 -2.30 23.24 8.63
N GLU D 73 -1.85 24.44 8.31
CA GLU D 73 -0.77 25.11 9.01
C GLU D 73 -1.24 25.52 10.41
N LEU D 74 -2.47 26.01 10.51
CA LEU D 74 -3.04 26.40 11.80
C LEU D 74 -3.20 25.20 12.71
N ALA D 75 -3.69 24.09 12.18
CA ALA D 75 -3.89 22.88 12.98
C ALA D 75 -2.57 22.23 13.40
N ALA D 76 -1.57 22.32 12.53
CA ALA D 76 -0.26 21.74 12.83
C ALA D 76 0.31 22.37 14.09
N ASN D 77 -0.01 23.64 14.31
CA ASN D 77 0.49 24.38 15.48
C ASN D 77 -0.60 24.60 16.54
N ASN D 78 -1.74 23.94 16.36
CA ASN D 78 -2.85 24.05 17.31
C ASN D 78 -3.20 25.51 17.57
N GLU D 79 -3.18 26.34 16.53
CA GLU D 79 -3.49 27.76 16.66
C GLU D 79 -4.97 28.08 16.46
N GLY D 80 -5.75 27.10 16.03
CA GLY D 80 -7.17 27.33 15.81
C GLY D 80 -7.69 26.77 14.50
N THR D 81 -8.97 27.02 14.22
CA THR D 81 -9.66 26.51 13.02
C THR D 81 -10.37 27.66 12.28
N LEU D 82 -10.23 27.71 10.95
CA LEU D 82 -10.95 28.72 10.16
C LEU D 82 -12.26 28.01 9.79
N ALA D 83 -13.39 28.60 10.18
CA ALA D 83 -14.70 28.02 9.92
C ALA D 83 -15.64 29.01 9.26
N TYR D 84 -16.57 28.49 8.45
CA TYR D 84 -17.53 29.34 7.76
C TYR D 84 -18.89 29.26 8.44
N ILE D 85 -19.45 30.42 8.76
CA ILE D 85 -20.74 30.49 9.40
C ILE D 85 -21.69 30.87 8.25
N ASP D 86 -22.47 29.88 7.83
CA ASP D 86 -23.38 29.99 6.69
C ASP D 86 -24.26 31.23 6.48
N ALA D 87 -25.35 31.34 7.21
CA ALA D 87 -26.26 32.48 7.02
C ALA D 87 -25.56 33.83 7.13
N ALA D 88 -24.67 33.95 8.12
CA ALA D 88 -23.96 35.20 8.34
C ALA D 88 -22.88 35.46 7.29
N GLU D 89 -22.60 34.48 6.43
CA GLU D 89 -21.57 34.62 5.39
C GLU D 89 -20.30 35.25 5.98
N THR D 90 -19.79 34.60 7.03
CA THR D 90 -18.63 35.10 7.74
C THR D 90 -17.57 34.03 7.99
N LEU D 91 -16.31 34.41 7.84
CA LEU D 91 -15.19 33.50 8.09
C LEU D 91 -14.67 33.84 9.48
N LEU D 92 -14.67 32.86 10.38
CA LEU D 92 -14.18 33.07 11.74
C LEU D 92 -13.01 32.17 12.04
N LEU D 93 -12.22 32.58 13.03
CA LEU D 93 -11.12 31.77 13.53
C LEU D 93 -11.66 31.32 14.89
N ILE D 94 -11.60 30.02 15.18
CA ILE D 94 -12.08 29.48 16.46
C ILE D 94 -11.01 28.58 17.08
N HIS D 95 -10.74 28.79 18.37
CA HIS D 95 -9.74 28.02 19.08
C HIS D 95 -10.15 27.76 20.53
N ALA D 96 -10.13 26.49 20.93
CA ALA D 96 -10.50 26.14 22.30
C ALA D 96 -9.30 26.18 23.24
N ILE D 97 -9.57 26.61 24.48
CA ILE D 97 -8.57 26.65 25.53
C ILE D 97 -9.12 25.59 26.49
N THR D 98 -8.45 24.45 26.56
CA THR D 98 -8.90 23.35 27.41
C THR D 98 -8.33 23.36 28.83
N ASP D 99 -7.29 24.15 29.05
CA ASP D 99 -6.70 24.23 30.39
C ASP D 99 -6.97 25.61 30.95
N LEU D 100 -7.91 25.71 31.89
CA LEU D 100 -8.28 26.98 32.50
C LEU D 100 -7.78 27.13 33.93
N THR D 101 -6.89 26.25 34.35
CA THR D 101 -6.36 26.29 35.71
C THR D 101 -5.35 27.42 35.94
N ASN D 102 -4.80 27.98 34.88
CA ASN D 102 -3.79 29.01 35.02
C ASN D 102 -4.02 30.30 34.24
N THR D 103 -4.09 31.42 34.94
CA THR D 103 -4.30 32.73 34.35
C THR D 103 -3.24 33.10 33.31
N TYR D 104 -1.99 32.78 33.62
CA TYR D 104 -0.88 33.06 32.72
C TYR D 104 -1.05 32.33 31.39
N HIS D 105 -1.46 31.08 31.46
CA HIS D 105 -1.67 30.29 30.26
C HIS D 105 -2.77 30.88 29.40
N ILE D 106 -3.89 31.20 30.03
CA ILE D 106 -5.03 31.79 29.33
C ILE D 106 -4.64 33.09 28.63
N ILE D 107 -3.91 33.96 29.32
CA ILE D 107 -3.49 35.23 28.73
C ILE D 107 -2.59 34.99 27.51
N SER D 108 -1.67 34.03 27.63
CA SER D 108 -0.75 33.70 26.55
C SER D 108 -1.53 33.20 25.34
N GLN D 109 -2.52 32.36 25.59
CA GLN D 109 -3.36 31.84 24.51
C GLN D 109 -4.10 32.98 23.82
N LEU D 110 -4.60 33.94 24.60
CA LEU D 110 -5.33 35.08 24.04
C LEU D 110 -4.43 35.95 23.18
N GLU D 111 -3.22 36.22 23.65
CA GLU D 111 -2.31 37.05 22.86
C GLU D 111 -1.89 36.36 21.56
N SER D 112 -1.68 35.04 21.60
CA SER D 112 -1.30 34.34 20.39
C SER D 112 -2.46 34.37 19.39
N PHE D 113 -3.68 34.23 19.91
CA PHE D 113 -4.90 34.25 19.10
C PHE D 113 -5.14 35.57 18.39
N VAL D 114 -5.07 36.69 19.10
CA VAL D 114 -5.31 37.99 18.48
C VAL D 114 -4.25 38.31 17.44
N ASN D 115 -3.03 37.84 17.67
CA ASN D 115 -1.95 38.09 16.70
C ASN D 115 -2.15 37.21 15.47
N GLN D 116 -2.65 36.00 15.69
CA GLN D 116 -2.91 35.09 14.59
C GLN D 116 -4.01 35.70 13.73
N GLN D 117 -5.00 36.26 14.42
CA GLN D 117 -6.14 36.91 13.78
C GLN D 117 -5.68 38.04 12.85
N GLU D 118 -4.77 38.86 13.34
CA GLU D 118 -4.25 39.99 12.56
C GLU D 118 -3.48 39.49 11.34
N ALA D 119 -2.71 38.42 11.50
CA ALA D 119 -1.93 37.87 10.40
C ALA D 119 -2.85 37.34 9.31
N LEU D 120 -3.90 36.63 9.72
CA LEU D 120 -4.86 36.06 8.78
C LEU D 120 -5.64 37.16 8.06
N LYS D 121 -6.02 38.21 8.78
CA LYS D 121 -6.76 39.30 8.15
C LYS D 121 -5.89 39.96 7.07
N ASN D 122 -4.59 40.08 7.34
CA ASN D 122 -3.68 40.70 6.38
C ASN D 122 -3.59 39.88 5.11
N ILE D 123 -3.61 38.56 5.27
CA ILE D 123 -3.54 37.65 4.13
C ILE D 123 -4.85 37.59 3.36
N LEU D 124 -5.96 37.48 4.09
CA LEU D 124 -7.28 37.35 3.48
C LEU D 124 -8.15 38.58 3.23
N GLN D 125 -7.76 39.73 3.76
CA GLN D 125 -8.55 40.95 3.58
C GLN D 125 -8.96 41.25 2.14
N GLU D 126 -8.07 40.98 1.20
CA GLU D 126 -8.36 41.24 -0.21
C GLU D 126 -9.56 40.44 -0.73
N TYR D 127 -9.95 39.39 -0.02
CA TYR D 127 -11.08 38.57 -0.46
C TYR D 127 -12.38 38.97 0.22
N ALA D 128 -12.29 39.89 1.17
CA ALA D 128 -13.47 40.34 1.90
C ALA D 128 -14.46 40.96 0.93
N LYS D 129 -15.73 40.66 1.10
CA LYS D 129 -16.74 41.21 0.21
C LYS D 129 -17.14 42.58 0.74
N VAL D 130 -17.18 43.56 -0.16
CA VAL D 130 -17.54 44.92 0.21
C VAL D 130 -19.02 45.02 0.60
N ASP E 2 -23.30 46.94 28.61
CA ASP E 2 -24.13 48.16 28.49
C ASP E 2 -23.34 49.31 27.88
N LYS E 3 -22.03 49.31 28.08
CA LYS E 3 -21.16 50.36 27.54
C LYS E 3 -19.75 49.81 27.33
N ALA E 4 -18.99 50.46 26.46
CA ALA E 4 -17.62 50.04 26.15
C ALA E 4 -16.56 50.73 27.01
N TYR E 5 -15.62 49.94 27.51
CA TYR E 5 -14.54 50.47 28.33
C TYR E 5 -13.21 50.23 27.64
N VAL E 6 -12.42 51.28 27.48
CA VAL E 6 -11.11 51.16 26.84
C VAL E 6 -10.07 50.97 27.93
N ALA E 7 -9.23 49.94 27.80
CA ALA E 7 -8.19 49.69 28.78
C ALA E 7 -7.15 50.80 28.71
N PRO E 8 -6.69 51.28 29.87
CA PRO E 8 -5.69 52.35 29.90
C PRO E 8 -4.34 51.95 29.30
N GLU E 9 -3.92 50.72 29.54
CA GLU E 9 -2.65 50.22 29.01
C GLU E 9 -2.87 49.20 27.89
N LYS E 10 -1.98 49.21 26.90
CA LYS E 10 -2.07 48.30 25.76
C LYS E 10 -1.89 46.82 26.06
N PHE E 11 -2.40 45.99 25.15
CA PHE E 11 -2.29 44.54 25.25
C PHE E 11 -1.68 44.07 23.93
N SER E 12 -0.59 43.32 24.00
CA SER E 12 0.07 42.85 22.77
C SER E 12 0.36 44.00 21.82
N SER E 13 0.74 45.15 22.38
CA SER E 13 1.05 46.34 21.60
C SER E 13 -0.17 46.96 20.93
N LYS E 14 -1.36 46.55 21.35
CA LYS E 14 -2.59 47.07 20.78
C LYS E 14 -3.53 47.65 21.84
N VAL E 15 -4.35 48.60 21.43
CA VAL E 15 -5.31 49.21 22.33
C VAL E 15 -6.41 48.19 22.56
N LEU E 16 -6.63 47.82 23.82
CA LEU E 16 -7.65 46.83 24.16
C LEU E 16 -8.92 47.48 24.68
N THR E 17 -10.06 47.10 24.09
CA THR E 17 -11.36 47.62 24.49
C THR E 17 -12.37 46.52 24.77
N TRP E 18 -13.09 46.65 25.90
CA TRP E 18 -14.14 45.68 26.24
C TRP E 18 -15.43 46.36 25.79
N LEU E 19 -16.14 45.73 24.86
CA LEU E 19 -17.38 46.31 24.33
C LEU E 19 -18.57 46.23 25.29
N GLY E 20 -18.35 45.59 26.44
CA GLY E 20 -19.41 45.46 27.42
C GLY E 20 -20.33 44.28 27.15
N LYS E 21 -21.26 44.04 28.06
CA LYS E 21 -22.21 42.94 27.91
C LYS E 21 -23.13 43.20 26.72
N MET E 22 -23.45 42.15 25.99
CA MET E 22 -24.32 42.28 24.83
C MET E 22 -25.70 41.72 25.20
N PRO E 23 -26.78 42.32 24.68
CA PRO E 23 -28.11 41.82 25.00
C PRO E 23 -28.30 40.40 24.49
N LEU E 24 -29.28 39.68 25.02
CA LEU E 24 -29.53 38.31 24.61
C LEU E 24 -29.62 38.26 23.08
N PHE E 25 -28.87 37.35 22.47
CA PHE E 25 -28.84 37.23 21.01
C PHE E 25 -30.18 36.96 20.33
N LYS E 26 -31.09 36.27 21.02
CA LYS E 26 -32.38 35.95 20.42
C LYS E 26 -33.15 37.21 20.02
N ASN E 27 -33.05 38.26 20.83
CA ASN E 27 -33.73 39.52 20.54
C ASN E 27 -32.92 40.31 19.51
N THR E 28 -32.95 39.82 18.28
CA THR E 28 -32.22 40.41 17.16
C THR E 28 -32.25 41.92 17.04
N GLU E 29 -33.43 42.51 17.14
CA GLU E 29 -33.55 43.96 17.03
C GLU E 29 -32.98 44.72 18.23
N VAL E 30 -33.00 44.09 19.39
CA VAL E 30 -32.45 44.71 20.60
C VAL E 30 -30.93 44.78 20.46
N VAL E 31 -30.35 43.69 19.97
CA VAL E 31 -28.91 43.59 19.75
C VAL E 31 -28.49 44.66 18.75
N GLN E 32 -29.20 44.71 17.62
CA GLN E 32 -28.92 45.67 16.56
C GLN E 32 -28.94 47.11 17.09
N LYS E 33 -29.97 47.44 17.84
CA LYS E 33 -30.12 48.77 18.40
C LYS E 33 -28.98 49.15 19.33
N HIS E 34 -28.52 48.19 20.12
CA HIS E 34 -27.43 48.44 21.06
C HIS E 34 -26.11 48.67 20.32
N THR E 35 -25.86 47.87 19.28
CA THR E 35 -24.65 47.98 18.49
C THR E 35 -24.45 49.39 17.93
N GLU E 36 -25.54 50.10 17.70
CA GLU E 36 -25.47 51.45 17.16
C GLU E 36 -25.21 52.49 18.24
N ASN E 37 -25.77 52.26 19.43
CA ASN E 37 -25.63 53.19 20.54
C ASN E 37 -24.29 53.18 21.24
N ILE E 38 -23.39 52.27 20.85
CA ILE E 38 -22.08 52.21 21.51
C ILE E 38 -20.96 52.78 20.64
N ARG E 39 -19.96 53.36 21.30
CA ARG E 39 -18.84 53.96 20.61
C ARG E 39 -17.91 52.97 19.91
N VAL E 40 -18.29 52.60 18.69
CA VAL E 40 -17.52 51.68 17.88
C VAL E 40 -17.50 52.21 16.45
N GLN E 41 -16.31 52.28 15.86
CA GLN E 41 -16.16 52.78 14.50
C GLN E 41 -16.78 51.83 13.48
N ASP E 42 -16.18 50.65 13.31
CA ASP E 42 -16.69 49.66 12.38
C ASP E 42 -17.97 49.02 12.91
N GLN E 43 -19.04 49.80 12.90
CA GLN E 43 -20.34 49.36 13.39
C GLN E 43 -20.91 48.22 12.53
N LYS E 44 -20.52 48.19 11.25
CA LYS E 44 -21.00 47.15 10.35
C LYS E 44 -20.25 45.82 10.51
N ILE E 45 -18.93 45.89 10.74
CA ILE E 45 -18.16 44.66 10.94
C ILE E 45 -18.67 44.03 12.23
N LEU E 46 -18.89 44.86 13.25
CA LEU E 46 -19.46 44.37 14.48
C LEU E 46 -20.78 43.68 14.80
N GLN E 47 -21.92 44.31 14.56
CA GLN E 47 -23.05 43.09 14.19
C GLN E 47 -22.92 41.88 13.28
N THR E 48 -22.14 42.00 12.21
CA THR E 48 -21.94 40.85 11.33
C THR E 48 -21.27 39.77 12.19
N PHE E 49 -20.30 40.18 12.98
CA PHE E 49 -19.59 39.27 13.89
C PHE E 49 -20.62 38.72 14.88
N LEU E 50 -21.48 39.60 15.39
CA LEU E 50 -22.50 39.19 16.33
C LEU E 50 -23.49 38.24 15.66
N HIS E 51 -23.79 38.46 14.38
CA HIS E 51 -24.71 37.58 13.65
C HIS E 51 -24.06 36.20 13.57
N ALA E 52 -22.77 36.18 13.29
CA ALA E 52 -22.03 34.93 13.16
C ALA E 52 -22.02 34.15 14.48
N LEU E 53 -21.74 34.84 15.59
CA LEU E 53 -21.71 34.20 16.91
C LEU E 53 -23.09 33.65 17.28
N THR E 54 -24.14 34.35 16.88
CA THR E 54 -25.51 33.93 17.17
C THR E 54 -25.86 32.64 16.43
N GLU E 55 -25.50 32.58 15.15
CA GLU E 55 -25.82 31.42 14.32
C GLU E 55 -25.09 30.12 14.69
N LYS E 56 -23.96 30.23 15.37
CA LYS E 56 -23.20 29.03 15.76
C LYS E 56 -24.05 28.02 16.51
N TYR E 57 -25.09 28.51 17.19
CA TYR E 57 -25.96 27.62 17.94
C TYR E 57 -27.42 27.76 17.50
N GLY E 58 -27.62 28.01 16.21
CA GLY E 58 -28.96 28.14 15.66
C GLY E 58 -29.59 26.78 15.39
N GLU E 59 -30.76 26.79 14.74
CA GLU E 59 -31.47 25.56 14.42
C GLU E 59 -30.65 24.61 13.56
N THR E 60 -30.20 25.11 12.41
CA THR E 60 -29.41 24.30 11.48
C THR E 60 -28.26 23.60 12.19
N ALA E 61 -27.51 24.36 12.99
CA ALA E 61 -26.37 23.84 13.72
C ALA E 61 -26.79 22.71 14.65
N VAL E 62 -27.80 22.98 15.48
CA VAL E 62 -28.29 22.00 16.43
C VAL E 62 -28.70 20.69 15.74
N ASN E 63 -29.42 20.82 14.63
CA ASN E 63 -29.89 19.66 13.88
C ASN E 63 -28.75 18.87 13.24
N ASP E 64 -27.72 19.57 12.76
CA ASP E 64 -26.58 18.89 12.14
C ASP E 64 -25.78 18.11 13.18
N ALA E 65 -25.83 18.58 14.43
CA ALA E 65 -25.13 17.93 15.53
C ALA E 65 -25.83 16.63 15.91
N LEU E 66 -27.16 16.63 15.82
CA LEU E 66 -27.95 15.45 16.13
C LEU E 66 -27.72 14.40 15.06
N LEU E 67 -27.62 14.85 13.80
CA LEU E 67 -27.38 13.94 12.68
C LEU E 67 -25.99 13.33 12.81
N MET E 68 -25.00 14.17 13.11
CA MET E 68 -23.64 13.70 13.28
C MET E 68 -23.60 12.62 14.37
N SER E 69 -24.24 12.91 15.51
CA SER E 69 -24.28 11.97 16.62
C SER E 69 -25.04 10.69 16.24
N ARG E 70 -25.80 10.77 15.16
CA ARG E 70 -26.57 9.64 14.67
C ARG E 70 -25.69 8.81 13.75
N ILE E 71 -24.88 9.49 12.94
CA ILE E 71 -23.98 8.84 12.01
C ILE E 71 -22.76 8.28 12.74
N ASN E 72 -22.31 8.99 13.77
CA ASN E 72 -21.14 8.55 14.53
C ASN E 72 -21.38 7.26 15.31
N MET E 73 -20.64 6.23 14.92
CA MET E 73 -20.70 4.92 15.55
C MET E 73 -19.55 4.87 16.56
N ASN E 74 -19.86 5.24 17.80
CA ASN E 74 -18.89 5.29 18.87
C ASN E 74 -18.27 3.93 19.21
N LYS E 75 -17.72 3.27 18.18
CA LYS E 75 -17.09 1.95 18.34
C LYS E 75 -15.85 1.99 19.24
N PRO E 76 -15.67 0.94 20.06
CA PRO E 76 -14.53 0.82 20.98
C PRO E 76 -13.22 0.71 20.20
N LEU E 77 -12.28 1.61 20.49
CA LEU E 77 -10.99 1.56 19.79
C LEU E 77 -10.28 0.24 20.10
N THR E 78 -10.45 -0.25 21.32
CA THR E 78 -9.82 -1.50 21.76
C THR E 78 -10.32 -2.73 20.99
N GLN E 79 -11.41 -2.60 20.25
CA GLN E 79 -11.94 -3.73 19.50
C GLN E 79 -11.70 -3.64 18.01
N ARG E 80 -11.18 -2.51 17.55
CA ARG E 80 -10.89 -2.34 16.13
C ARG E 80 -9.62 -3.12 15.81
N LEU E 81 -9.49 -3.57 14.57
CA LEU E 81 -8.32 -4.30 14.13
C LEU E 81 -7.24 -3.22 13.93
N ALA E 82 -6.07 -3.42 14.52
CA ALA E 82 -5.02 -2.41 14.38
C ALA E 82 -3.69 -2.98 13.90
N VAL E 83 -3.10 -2.30 12.92
CA VAL E 83 -1.82 -2.69 12.36
C VAL E 83 -0.94 -1.44 12.22
N GLN E 84 0.34 -1.57 12.53
CA GLN E 84 1.27 -0.46 12.42
C GLN E 84 1.94 -0.53 11.04
N ILE E 85 1.79 0.52 10.25
CA ILE E 85 2.37 0.60 8.90
C ILE E 85 3.84 1.00 9.00
N THR E 86 4.73 0.23 8.37
CA THR E 86 6.17 0.59 8.43
C THR E 86 6.98 0.53 7.13
N GLU E 87 6.63 -0.37 6.23
CA GLU E 87 7.39 -0.51 4.98
C GLU E 87 6.59 -0.21 3.72
N CYS E 88 5.40 0.37 3.89
CA CYS E 88 4.56 0.64 2.74
C CYS E 88 5.12 1.65 1.72
N VAL E 89 5.76 2.73 2.18
CA VAL E 89 6.32 3.68 1.23
C VAL E 89 7.46 3.02 0.45
N LYS E 90 8.30 2.27 1.17
CA LYS E 90 9.42 1.59 0.53
C LYS E 90 8.89 0.65 -0.55
N ALA E 91 7.91 -0.17 -0.20
CA ALA E 91 7.31 -1.12 -1.14
C ALA E 91 6.78 -0.42 -2.39
N ALA E 92 6.26 0.80 -2.23
CA ALA E 92 5.72 1.53 -3.36
C ALA E 92 6.87 2.08 -4.21
N ASP E 93 7.82 2.73 -3.54
CA ASP E 93 8.96 3.31 -4.23
C ASP E 93 9.74 2.22 -4.96
N GLU E 94 9.88 1.05 -4.33
CA GLU E 94 10.61 -0.07 -4.91
C GLU E 94 9.89 -0.77 -6.05
N GLY E 95 8.63 -0.37 -6.27
CA GLY E 95 7.85 -0.96 -7.34
C GLY E 95 7.15 -2.28 -7.04
N PHE E 96 7.21 -2.72 -5.79
CA PHE E 96 6.56 -3.99 -5.44
C PHE E 96 5.04 -3.91 -5.50
N ILE E 97 4.48 -2.80 -5.04
CA ILE E 97 3.03 -2.63 -5.09
C ILE E 97 2.53 -2.57 -6.53
N ASN E 98 3.28 -1.89 -7.38
CA ASN E 98 2.95 -1.80 -8.81
C ASN E 98 2.90 -3.21 -9.39
N LEU E 99 3.84 -4.06 -8.98
CA LEU E 99 3.90 -5.44 -9.46
C LEU E 99 2.67 -6.24 -9.04
N ILE E 100 2.35 -6.22 -7.75
CA ILE E 100 1.20 -6.97 -7.25
C ILE E 100 -0.11 -6.53 -7.89
N LYS E 101 -0.29 -5.23 -8.06
CA LYS E 101 -1.51 -4.69 -8.65
C LYS E 101 -1.65 -5.06 -10.12
N SER E 102 -0.52 -5.24 -10.79
CA SER E 102 -0.53 -5.58 -12.22
C SER E 102 -0.75 -7.06 -12.49
N LYS E 103 -0.13 -7.93 -11.69
CA LYS E 103 -0.28 -9.37 -11.88
C LYS E 103 -1.74 -9.78 -11.95
N ASP F 2 17.43 -52.08 -29.72
CA ASP F 2 16.04 -52.26 -30.24
C ASP F 2 15.64 -51.11 -31.15
N LYS F 3 14.67 -51.35 -32.03
CA LYS F 3 14.20 -50.33 -32.95
C LYS F 3 13.10 -49.46 -32.34
N ALA F 4 12.90 -48.30 -32.96
CA ALA F 4 11.86 -47.39 -32.51
C ALA F 4 10.56 -48.15 -32.75
N TYR F 5 9.64 -48.05 -31.78
CA TYR F 5 8.36 -48.76 -31.85
C TYR F 5 7.18 -47.80 -31.80
N VAL F 6 6.16 -48.09 -32.62
CA VAL F 6 4.96 -47.27 -32.69
C VAL F 6 3.82 -47.92 -31.89
N ALA F 7 3.27 -47.17 -30.94
CA ALA F 7 2.17 -47.68 -30.12
C ALA F 7 0.88 -47.74 -30.95
N PRO F 8 0.09 -48.81 -30.77
CA PRO F 8 -1.17 -48.98 -31.51
C PRO F 8 -2.28 -47.98 -31.16
N GLU F 9 -2.43 -47.67 -29.89
CA GLU F 9 -3.46 -46.73 -29.45
C GLU F 9 -2.90 -45.33 -29.23
N LYS F 10 -3.67 -44.33 -29.64
CA LYS F 10 -3.24 -42.94 -29.52
C LYS F 10 -3.11 -42.44 -28.08
N PHE F 11 -2.32 -41.38 -27.93
CA PHE F 11 -2.05 -40.76 -26.64
C PHE F 11 -2.36 -39.27 -26.79
N SER F 12 -3.30 -38.78 -25.99
CA SER F 12 -3.68 -37.37 -26.07
C SER F 12 -4.10 -37.04 -27.49
N SER F 13 -4.86 -37.95 -28.11
CA SER F 13 -5.34 -37.76 -29.47
C SER F 13 -4.21 -37.63 -30.48
N LYS F 14 -3.09 -38.30 -30.22
CA LYS F 14 -1.94 -38.26 -31.11
C LYS F 14 -1.22 -39.59 -31.17
N VAL F 15 -0.65 -39.90 -32.33
CA VAL F 15 0.08 -41.14 -32.50
C VAL F 15 1.32 -41.03 -31.62
N LEU F 16 1.66 -42.10 -30.90
CA LEU F 16 2.81 -42.10 -30.02
C LEU F 16 3.88 -43.08 -30.48
N THR F 17 5.13 -42.61 -30.55
CA THR F 17 6.23 -43.44 -31.00
C THR F 17 7.47 -43.30 -30.11
N TRP F 18 8.05 -44.42 -29.72
CA TRP F 18 9.27 -44.41 -28.93
C TRP F 18 10.40 -44.42 -29.96
N LEU F 19 11.22 -43.38 -29.96
CA LEU F 19 12.32 -43.26 -30.93
C LEU F 19 13.52 -44.16 -30.68
N GLY F 20 13.43 -45.00 -29.66
CA GLY F 20 14.53 -45.91 -29.34
C GLY F 20 15.64 -45.24 -28.56
N LYS F 21 16.58 -46.04 -28.07
CA LYS F 21 17.70 -45.51 -27.31
C LYS F 21 18.57 -44.65 -28.22
N MET F 22 19.10 -43.56 -27.67
CA MET F 22 19.98 -42.67 -28.40
C MET F 22 21.38 -42.98 -27.90
N PRO F 23 22.37 -42.99 -28.80
CA PRO F 23 23.75 -43.27 -28.35
C PRO F 23 24.26 -42.13 -27.49
N LEU F 24 25.26 -42.42 -26.65
CA LEU F 24 25.83 -41.41 -25.76
C LEU F 24 26.01 -40.09 -26.52
N PHE F 25 25.43 -39.03 -25.98
CA PHE F 25 25.50 -37.71 -26.64
C PHE F 25 26.91 -37.22 -26.93
N LYS F 26 27.90 -37.71 -26.20
CA LYS F 26 29.30 -37.32 -26.41
C LYS F 26 29.73 -37.54 -27.86
N ASN F 27 29.34 -38.68 -28.42
CA ASN F 27 29.70 -39.03 -29.78
C ASN F 27 28.74 -38.40 -30.80
N THR F 28 28.93 -37.10 -31.02
CA THR F 28 28.09 -36.32 -31.93
C THR F 28 27.82 -36.98 -33.27
N GLU F 29 28.87 -37.49 -33.92
CA GLU F 29 28.69 -38.12 -35.22
C GLU F 29 27.88 -39.41 -35.08
N VAL F 30 28.17 -40.19 -34.05
CA VAL F 30 27.46 -41.45 -33.82
C VAL F 30 25.97 -41.19 -33.66
N VAL F 31 25.63 -40.09 -32.98
CA VAL F 31 24.24 -39.71 -32.76
C VAL F 31 23.62 -39.29 -34.08
N GLN F 32 24.34 -38.49 -34.86
CA GLN F 32 23.85 -38.01 -36.14
C GLN F 32 23.55 -39.19 -37.06
N LYS F 33 24.42 -40.20 -37.03
CA LYS F 33 24.26 -41.41 -37.85
C LYS F 33 22.92 -42.05 -37.57
N HIS F 34 22.73 -42.42 -36.30
CA HIS F 34 21.51 -43.07 -35.83
C HIS F 34 20.26 -42.26 -36.18
N THR F 35 20.29 -40.96 -35.90
CA THR F 35 19.17 -40.08 -36.17
C THR F 35 18.71 -40.10 -37.63
N GLU F 36 19.67 -40.11 -38.54
CA GLU F 36 19.37 -40.14 -39.97
C GLU F 36 18.61 -41.41 -40.36
N ASN F 37 18.81 -42.48 -39.59
CA ASN F 37 18.14 -43.75 -39.88
C ASN F 37 16.75 -43.84 -39.26
N ILE F 38 16.24 -42.70 -38.77
CA ILE F 38 14.90 -42.65 -38.18
C ILE F 38 13.99 -41.85 -39.10
N ARG F 39 12.91 -42.47 -39.52
CA ARG F 39 11.96 -41.84 -40.42
C ARG F 39 11.11 -40.78 -39.73
N VAL F 40 11.39 -39.51 -40.02
CA VAL F 40 10.62 -38.41 -39.43
C VAL F 40 10.34 -37.28 -40.41
N GLN F 41 9.18 -36.67 -40.26
CA GLN F 41 8.74 -35.57 -41.10
C GLN F 41 9.80 -34.48 -41.23
N ASP F 42 10.59 -34.29 -40.18
CA ASP F 42 11.62 -33.26 -40.18
C ASP F 42 12.89 -33.67 -39.45
N GLN F 43 13.83 -34.24 -40.20
CA GLN F 43 15.10 -34.69 -39.66
C GLN F 43 15.88 -33.62 -38.90
N LYS F 44 15.99 -32.44 -39.50
CA LYS F 44 16.72 -31.34 -38.88
C LYS F 44 16.19 -30.97 -37.50
N ILE F 45 14.87 -31.00 -37.33
CA ILE F 45 14.26 -30.66 -36.04
C ILE F 45 14.68 -31.64 -34.96
N LEU F 46 14.64 -32.93 -35.27
CA LEU F 46 15.05 -33.95 -34.31
C LEU F 46 16.51 -33.76 -33.92
N GLN F 47 17.32 -33.48 -34.94
CA GLN F 47 18.76 -33.26 -34.76
C GLN F 47 18.98 -32.09 -33.82
N THR F 48 18.30 -30.97 -34.07
CA THR F 48 18.43 -29.78 -33.24
C THR F 48 17.97 -30.06 -31.81
N PHE F 49 16.90 -30.82 -31.66
CA PHE F 49 16.38 -31.16 -30.34
C PHE F 49 17.43 -31.97 -29.58
N LEU F 50 18.09 -32.89 -30.28
CA LEU F 50 19.11 -33.69 -29.64
C LEU F 50 20.32 -32.84 -29.26
N HIS F 51 20.67 -31.86 -30.09
CA HIS F 51 21.79 -30.97 -29.77
C HIS F 51 21.44 -30.21 -28.49
N ALA F 52 20.21 -29.70 -28.43
CA ALA F 52 19.74 -28.95 -27.27
C ALA F 52 19.76 -29.79 -25.99
N LEU F 53 19.30 -31.04 -26.06
CA LEU F 53 19.33 -31.88 -24.87
C LEU F 53 20.76 -32.11 -24.40
N THR F 54 21.68 -32.22 -25.37
CA THR F 54 23.09 -32.44 -25.08
C THR F 54 23.71 -31.21 -24.41
N GLU F 55 23.44 -30.03 -24.97
CA GLU F 55 24.00 -28.80 -24.44
C GLU F 55 23.51 -28.42 -23.03
N LYS F 56 22.36 -28.95 -22.61
CA LYS F 56 21.83 -28.62 -21.29
C LYS F 56 22.86 -28.84 -20.18
N TYR F 57 23.85 -29.68 -20.44
CA TYR F 57 24.88 -29.96 -19.46
C TYR F 57 26.26 -29.81 -20.12
N GLY F 58 27.31 -30.28 -19.47
CA GLY F 58 28.63 -30.17 -20.07
C GLY F 58 29.65 -29.22 -19.47
N GLU F 59 29.89 -28.08 -20.14
CA GLU F 59 30.86 -27.11 -19.66
C GLU F 59 30.29 -25.73 -19.35
N THR F 60 29.76 -25.08 -20.38
CA THR F 60 29.18 -23.74 -20.23
C THR F 60 28.10 -23.74 -19.16
N ALA F 61 27.21 -24.74 -19.22
CA ALA F 61 26.13 -24.86 -18.26
C ALA F 61 26.68 -25.18 -16.87
N VAL F 62 27.55 -26.19 -16.79
CA VAL F 62 28.14 -26.60 -15.53
C VAL F 62 28.89 -25.44 -14.87
N ASN F 63 29.55 -24.62 -15.68
CA ASN F 63 30.30 -23.47 -15.18
C ASN F 63 29.41 -22.35 -14.64
N ASP F 64 28.35 -22.03 -15.37
CA ASP F 64 27.44 -20.98 -14.91
C ASP F 64 26.71 -21.45 -13.65
N ALA F 65 26.60 -22.77 -13.50
CA ALA F 65 25.95 -23.36 -12.33
C ALA F 65 26.86 -23.17 -11.12
N LEU F 66 28.16 -23.37 -11.32
CA LEU F 66 29.14 -23.22 -10.25
C LEU F 66 29.24 -21.76 -9.81
N LEU F 67 29.25 -20.84 -10.78
CA LEU F 67 29.31 -19.42 -10.48
C LEU F 67 28.07 -19.03 -9.68
N MET F 68 26.93 -19.61 -10.06
CA MET F 68 25.67 -19.35 -9.39
C MET F 68 25.79 -19.81 -7.95
N SER F 69 26.44 -20.96 -7.76
CA SER F 69 26.64 -21.54 -6.45
C SER F 69 27.50 -20.65 -5.57
N ARG F 70 28.44 -19.93 -6.19
CA ARG F 70 29.34 -19.02 -5.49
C ARG F 70 28.61 -17.76 -5.05
N ILE F 71 27.84 -17.19 -5.97
CA ILE F 71 27.08 -15.98 -5.70
C ILE F 71 25.94 -16.26 -4.72
N ASN F 72 25.29 -17.40 -4.88
CA ASN F 72 24.17 -17.76 -4.01
C ASN F 72 24.67 -17.94 -2.57
N MET F 73 24.28 -17.00 -1.72
CA MET F 73 24.66 -17.06 -0.31
C MET F 73 23.51 -17.76 0.40
N ASN F 74 23.67 -19.06 0.62
CA ASN F 74 22.65 -19.89 1.26
C ASN F 74 22.33 -19.46 2.70
N LYS F 75 21.91 -18.21 2.87
CA LYS F 75 21.57 -17.69 4.18
C LYS F 75 20.36 -18.39 4.77
N PRO F 76 20.36 -18.57 6.09
CA PRO F 76 19.23 -19.25 6.76
C PRO F 76 18.03 -18.30 6.81
N LEU F 77 16.88 -18.78 6.35
CA LEU F 77 15.66 -17.97 6.32
C LEU F 77 15.24 -17.57 7.73
N THR F 78 15.51 -18.45 8.69
CA THR F 78 15.15 -18.22 10.08
C THR F 78 15.88 -17.03 10.70
N GLN F 79 16.96 -16.59 10.06
CA GLN F 79 17.74 -15.47 10.59
C GLN F 79 17.56 -14.17 9.81
N ARG F 80 16.76 -14.20 8.75
CA ARG F 80 16.52 -12.99 7.98
C ARG F 80 15.48 -12.15 8.70
N LEU F 81 15.53 -10.83 8.51
CA LEU F 81 14.53 -9.98 9.13
C LEU F 81 13.31 -10.17 8.23
N ALA F 82 12.13 -10.31 8.84
CA ALA F 82 10.91 -10.51 8.06
C ALA F 82 9.78 -9.61 8.55
N VAL F 83 9.07 -9.00 7.61
CA VAL F 83 7.95 -8.12 7.93
C VAL F 83 6.79 -8.41 6.97
N GLN F 84 5.61 -8.66 7.53
CA GLN F 84 4.44 -8.92 6.70
C GLN F 84 3.93 -7.54 6.25
N ILE F 85 3.84 -7.35 4.94
CA ILE F 85 3.39 -6.07 4.38
C ILE F 85 2.17 -6.19 3.47
N THR F 86 1.40 -7.25 3.69
CA THR F 86 0.20 -7.51 2.89
C THR F 86 -0.74 -6.30 2.79
N GLU F 87 -0.86 -5.55 3.88
CA GLU F 87 -1.77 -4.40 3.90
C GLU F 87 -1.32 -3.18 3.11
N CYS F 88 -0.08 -3.19 2.65
CA CYS F 88 0.42 -2.05 1.90
C CYS F 88 -0.31 -1.82 0.58
N VAL F 89 -0.92 -2.86 0.02
CA VAL F 89 -1.66 -2.70 -1.23
C VAL F 89 -2.92 -1.86 -0.95
N LYS F 90 -3.61 -2.19 0.14
CA LYS F 90 -4.81 -1.44 0.53
C LYS F 90 -4.41 0.02 0.81
N ALA F 91 -3.27 0.20 1.45
CA ALA F 91 -2.78 1.54 1.78
C ALA F 91 -2.57 2.38 0.52
N ALA F 92 -2.07 1.75 -0.52
CA ALA F 92 -1.83 2.45 -1.78
C ALA F 92 -3.15 2.78 -2.48
N ASP F 93 -4.06 1.81 -2.53
CA ASP F 93 -5.35 2.03 -3.19
C ASP F 93 -6.19 3.12 -2.52
N GLU F 94 -6.13 3.20 -1.20
CA GLU F 94 -6.87 4.19 -0.45
C GLU F 94 -6.22 5.57 -0.53
N GLY F 95 -5.02 5.63 -1.10
CA GLY F 95 -4.32 6.90 -1.21
C GLY F 95 -3.54 7.28 0.04
N PHE F 96 -3.36 6.31 0.94
CA PHE F 96 -2.62 6.54 2.18
C PHE F 96 -1.14 6.81 1.88
N ILE F 97 -0.56 5.97 1.04
CA ILE F 97 0.86 6.13 0.69
C ILE F 97 1.13 7.47 0.02
N ASN F 98 0.20 7.90 -0.85
CA ASN F 98 0.34 9.18 -1.54
C ASN F 98 0.34 10.31 -0.52
N LEU F 99 -0.47 10.19 0.52
CA LEU F 99 -0.52 11.22 1.55
C LEU F 99 0.81 11.30 2.31
N ILE F 100 1.30 10.16 2.77
CA ILE F 100 2.56 10.10 3.50
C ILE F 100 3.72 10.71 2.69
N LYS F 101 3.82 10.33 1.43
CA LYS F 101 4.90 10.83 0.57
C LYS F 101 4.85 12.32 0.26
N SER F 102 3.64 12.84 0.06
CA SER F 102 3.49 14.26 -0.26
C SER F 102 3.81 15.18 0.91
N LYS F 103 3.55 14.70 2.14
CA LYS F 103 3.82 15.47 3.35
C LYS F 103 5.32 15.56 3.65
N ASP F 104 6.11 14.78 2.91
CA ASP F 104 7.56 14.76 3.10
C ASP F 104 8.24 15.95 2.43
N ASN F 105 7.54 16.55 1.47
CA ASN F 105 8.08 17.71 0.74
C ASN F 105 7.60 19.01 1.36
#